data_4LDS
#
_entry.id   4LDS
#
_cell.length_a   130.070
_cell.length_b   118.850
_cell.length_c   160.049
_cell.angle_alpha   90.00
_cell.angle_beta   100.08
_cell.angle_gamma   90.00
#
_symmetry.space_group_name_H-M   'I 1 2 1'
#
_entity_poly.entity_id   1
_entity_poly.type   'polypeptide(L)'
_entity_poly.pdbx_seq_one_letter_code
;MKANKYLIFILGALGGLLYGYDNGVISGALLFIHKDIPLNSTTEGIVVSSMLIGAIVGAGSSGPLADKLGRRRLVMLIAI
VFIIGALILAASTNLALLIIGRLIIGLAVGGSMSTVPVYLSEMAPTEYRGSLGSLNQLMITIGILAAYLVNYAFADIEGW
RWMLGLAVVPSVILLVGIYFMPESPRWLLENRNEEAARQVMKITYDDSEIDKELKEMKEINAISESTWTVIKSPWLGRIL
IVGCIFAIFQQFIGINAVIFYSSSIFAKAGLGEAASILGSVGIGTINVLVTIVAIFVVDKIDRKKLLVGGNIGMIASLLI
MAILIWTIGIASSAWIIIVCLSLFIVFFGISWGPVLWVMLPELFPMRARGAATGISALVLNIGTLIVSLFFPILSDALST
EWVFLIFAFIGVLAMIFVIKFLPETRGRSLEEIEYELRERTGARTE
;
_entity_poly.pdbx_strand_id   A,B
#
# COMPACT_ATOMS: atom_id res chain seq x y z
N LEU A 7 17.17 10.52 -40.22
CA LEU A 7 15.88 10.32 -39.58
C LEU A 7 15.42 8.85 -39.67
N ILE A 8 16.36 7.93 -39.84
CA ILE A 8 16.07 6.50 -40.07
C ILE A 8 15.31 5.81 -38.91
N PHE A 9 15.92 5.81 -37.73
CA PHE A 9 15.31 5.22 -36.54
C PHE A 9 14.33 6.20 -35.86
N ILE A 10 14.32 7.48 -36.28
CA ILE A 10 13.31 8.46 -35.84
C ILE A 10 11.93 8.27 -36.51
N LEU A 11 11.86 8.12 -37.84
CA LEU A 11 10.59 7.77 -38.49
C LEU A 11 10.21 6.28 -38.30
N GLY A 12 11.21 5.40 -38.12
CA GLY A 12 10.92 4.03 -37.68
C GLY A 12 10.27 3.95 -36.29
N ALA A 13 10.89 4.65 -35.33
CA ALA A 13 10.24 4.81 -34.02
C ALA A 13 8.93 5.58 -34.16
N LEU A 14 8.77 6.34 -35.24
CA LEU A 14 7.44 6.88 -35.56
C LEU A 14 6.50 5.73 -35.96
N GLY A 15 7.06 4.61 -36.46
CA GLY A 15 6.31 3.36 -36.53
C GLY A 15 5.88 2.86 -35.13
N GLY A 16 6.79 3.02 -34.16
CA GLY A 16 6.43 2.75 -32.76
C GLY A 16 5.27 3.61 -32.21
N LEU A 17 5.40 4.92 -32.39
CA LEU A 17 4.42 5.92 -31.94
C LEU A 17 3.04 5.77 -32.59
N LEU A 18 3.00 5.51 -33.89
CA LEU A 18 1.76 5.07 -34.52
C LEU A 18 1.16 3.92 -33.70
N TYR A 19 1.99 2.88 -33.52
CA TYR A 19 1.54 1.68 -32.80
C TYR A 19 0.77 2.02 -31.51
N GLY A 20 1.43 2.65 -30.53
CA GLY A 20 0.73 2.96 -29.27
C GLY A 20 -0.43 3.94 -29.41
N TYR A 21 -0.22 4.86 -30.35
CA TYR A 21 -1.22 5.86 -30.66
C TYR A 21 -2.56 5.23 -30.99
N ASP A 22 -2.58 3.96 -31.42
CA ASP A 22 -3.90 3.30 -31.67
C ASP A 22 -4.71 3.03 -30.39
N ASN A 23 -4.00 2.59 -29.36
CA ASN A 23 -4.59 2.45 -28.04
C ASN A 23 -5.04 3.78 -27.41
N GLY A 24 -4.20 4.81 -27.51
CA GLY A 24 -4.63 6.15 -27.09
C GLY A 24 -5.83 6.73 -27.85
N VAL A 25 -5.85 6.39 -29.14
CA VAL A 25 -6.97 6.67 -30.05
C VAL A 25 -8.27 6.18 -29.39
N ILE A 26 -8.28 4.92 -28.97
CA ILE A 26 -9.45 4.49 -28.19
C ILE A 26 -9.61 5.21 -26.81
N SER A 27 -8.61 5.95 -26.35
CA SER A 27 -8.75 6.76 -25.12
C SER A 27 -9.63 8.02 -25.25
N GLY A 28 -9.18 8.93 -26.11
CA GLY A 28 -10.03 10.06 -26.44
C GLY A 28 -11.40 9.56 -26.89
N ALA A 29 -11.40 8.39 -27.53
CA ALA A 29 -12.66 7.67 -27.75
C ALA A 29 -13.53 7.40 -26.48
N LEU A 30 -13.04 6.59 -25.53
CA LEU A 30 -13.82 6.13 -24.37
C LEU A 30 -14.24 7.30 -23.43
N LEU A 31 -13.65 8.44 -23.81
CA LEU A 31 -14.15 9.76 -23.50
C LEU A 31 -15.43 10.17 -24.30
N PHE A 32 -15.39 10.10 -25.64
CA PHE A 32 -16.54 10.53 -26.49
C PHE A 32 -17.58 9.52 -26.90
N ILE A 33 -17.56 8.35 -26.27
CA ILE A 33 -18.39 7.22 -26.68
C ILE A 33 -19.86 7.51 -26.96
N HIS A 34 -20.61 7.84 -25.92
CA HIS A 34 -22.06 7.83 -25.97
C HIS A 34 -22.72 8.82 -26.98
N LYS A 35 -21.92 9.68 -27.61
CA LYS A 35 -22.44 10.65 -28.62
C LYS A 35 -22.29 10.17 -30.10
N ASP A 36 -21.78 8.94 -30.27
CA ASP A 36 -21.50 8.35 -31.59
C ASP A 36 -22.51 7.32 -32.18
N ILE A 37 -23.64 7.14 -31.48
CA ILE A 37 -24.60 6.00 -31.62
C ILE A 37 -24.14 4.54 -31.22
N PRO A 38 -23.60 4.34 -29.98
CA PRO A 38 -23.06 3.06 -29.41
C PRO A 38 -23.92 1.89 -28.82
N LEU A 39 -24.85 2.13 -27.89
CA LEU A 39 -25.70 1.08 -27.29
C LEU A 39 -25.11 -0.33 -27.00
N ASN A 40 -24.18 -0.51 -26.06
CA ASN A 40 -23.83 0.37 -24.97
C ASN A 40 -22.34 0.14 -24.64
N SER A 41 -21.95 0.52 -23.43
CA SER A 41 -20.58 0.27 -22.94
C SER A 41 -20.09 -1.17 -23.20
N THR A 42 -21.02 -2.11 -23.15
CA THR A 42 -20.77 -3.50 -23.56
C THR A 42 -20.19 -3.58 -24.98
N THR A 43 -20.86 -2.92 -25.94
CA THR A 43 -20.43 -2.93 -27.34
C THR A 43 -19.13 -2.15 -27.50
N GLU A 44 -18.87 -1.24 -26.55
CA GLU A 44 -17.53 -0.67 -26.47
C GLU A 44 -16.54 -1.82 -26.25
N GLY A 45 -16.84 -2.67 -25.28
CA GLY A 45 -16.06 -3.87 -25.06
C GLY A 45 -15.84 -4.70 -26.31
N ILE A 46 -16.91 -5.11 -26.99
CA ILE A 46 -16.75 -5.92 -28.21
C ILE A 46 -16.09 -5.14 -29.35
N VAL A 47 -16.09 -3.82 -29.26
CA VAL A 47 -15.44 -3.05 -30.32
C VAL A 47 -13.89 -2.92 -30.19
N VAL A 48 -13.39 -2.67 -28.99
CA VAL A 48 -11.91 -2.65 -28.81
C VAL A 48 -11.42 -4.11 -28.85
N SER A 49 -12.40 -5.00 -28.61
CA SER A 49 -12.23 -6.39 -28.92
C SER A 49 -11.90 -6.54 -30.39
N SER A 50 -12.77 -6.00 -31.25
CA SER A 50 -12.54 -6.08 -32.69
C SER A 50 -11.18 -5.49 -33.10
N MET A 51 -10.80 -4.37 -32.48
CA MET A 51 -9.43 -3.86 -32.65
C MET A 51 -8.44 -5.00 -32.47
N LEU A 52 -8.43 -5.55 -31.27
CA LEU A 52 -7.42 -6.56 -30.94
C LEU A 52 -7.57 -7.96 -31.60
N ILE A 53 -8.70 -8.22 -32.27
CA ILE A 53 -8.83 -9.42 -33.11
C ILE A 53 -8.15 -9.22 -34.48
N GLY A 54 -8.37 -8.04 -35.06
CA GLY A 54 -7.60 -7.67 -36.23
C GLY A 54 -6.13 -7.75 -35.88
N ALA A 55 -5.81 -7.24 -34.69
CA ALA A 55 -4.47 -7.38 -34.12
C ALA A 55 -3.98 -8.83 -33.99
N ILE A 56 -4.86 -9.76 -33.59
CA ILE A 56 -4.46 -11.17 -33.45
C ILE A 56 -4.06 -11.89 -34.77
N VAL A 57 -4.98 -11.94 -35.75
CA VAL A 57 -4.61 -12.61 -37.01
C VAL A 57 -3.50 -11.85 -37.76
N GLY A 58 -3.61 -10.51 -37.76
CA GLY A 58 -2.56 -9.65 -38.28
C GLY A 58 -1.17 -9.83 -37.66
N ALA A 59 -1.11 -10.20 -36.37
CA ALA A 59 0.17 -10.44 -35.66
C ALA A 59 0.83 -11.81 -35.82
N GLY A 60 0.05 -12.89 -35.79
CA GLY A 60 0.64 -14.20 -36.09
C GLY A 60 1.16 -14.28 -37.52
N SER A 61 0.29 -13.88 -38.45
CA SER A 61 0.57 -14.06 -39.86
C SER A 61 1.48 -12.97 -40.39
N SER A 62 2.02 -12.15 -39.50
CA SER A 62 3.12 -11.28 -39.88
C SER A 62 4.30 -12.10 -40.38
N GLY A 63 4.79 -13.00 -39.52
CA GLY A 63 6.03 -13.74 -39.78
C GLY A 63 6.07 -14.76 -40.91
N PRO A 64 5.19 -15.77 -40.90
CA PRO A 64 5.16 -16.73 -42.01
C PRO A 64 4.90 -16.06 -43.38
N LEU A 65 3.98 -15.10 -43.44
CA LEU A 65 3.77 -14.31 -44.65
C LEU A 65 5.07 -13.59 -45.05
N ALA A 66 5.79 -13.09 -44.05
CA ALA A 66 7.09 -12.45 -44.27
C ALA A 66 8.17 -13.42 -44.80
N ASP A 67 8.03 -14.71 -44.53
CA ASP A 67 8.90 -15.74 -45.13
C ASP A 67 8.41 -16.22 -46.49
N LYS A 68 7.15 -15.92 -46.83
CA LYS A 68 6.65 -16.19 -48.18
C LYS A 68 6.99 -15.09 -49.19
N LEU A 69 6.39 -13.91 -49.06
CA LEU A 69 6.59 -12.83 -50.06
C LEU A 69 7.62 -11.71 -49.76
N GLY A 70 8.33 -11.80 -48.64
CA GLY A 70 9.41 -10.87 -48.32
C GLY A 70 9.18 -9.86 -47.19
N ARG A 71 10.27 -9.34 -46.64
CA ARG A 71 10.21 -8.41 -45.50
C ARG A 71 9.96 -6.92 -45.85
N ARG A 72 10.59 -6.44 -46.92
CA ARG A 72 10.46 -5.03 -47.33
C ARG A 72 9.01 -4.69 -47.68
N ARG A 73 8.51 -5.42 -48.67
CA ARG A 73 7.13 -5.31 -49.13
C ARG A 73 6.17 -5.48 -47.94
N LEU A 74 6.61 -6.21 -46.92
CA LEU A 74 5.77 -6.51 -45.76
C LEU A 74 5.62 -5.34 -44.82
N VAL A 75 6.74 -4.73 -44.43
CA VAL A 75 6.67 -3.55 -43.56
C VAL A 75 5.89 -2.44 -44.26
N MET A 76 6.19 -2.25 -45.53
CA MET A 76 5.44 -1.30 -46.34
C MET A 76 3.94 -1.61 -46.39
N LEU A 77 3.62 -2.84 -46.76
CA LEU A 77 2.25 -3.33 -46.83
C LEU A 77 1.50 -3.03 -45.54
N ILE A 78 2.17 -3.24 -44.41
CA ILE A 78 1.55 -3.00 -43.12
C ILE A 78 1.26 -1.51 -42.88
N ALA A 79 2.22 -0.63 -43.20
CA ALA A 79 1.96 0.81 -43.10
C ALA A 79 0.71 1.22 -43.90
N ILE A 80 0.58 0.60 -45.06
CA ILE A 80 -0.63 0.81 -45.84
C ILE A 80 -1.87 0.17 -45.17
N VAL A 81 -1.68 -0.91 -44.42
CA VAL A 81 -2.80 -1.48 -43.68
C VAL A 81 -3.24 -0.41 -42.66
N PHE A 82 -2.27 0.39 -42.23
CA PHE A 82 -2.54 1.54 -41.36
C PHE A 82 -3.38 2.62 -42.07
N ILE A 83 -2.97 3.05 -43.28
CA ILE A 83 -3.81 4.02 -44.01
C ILE A 83 -5.25 3.52 -44.25
N ILE A 84 -5.38 2.26 -44.66
CA ILE A 84 -6.68 1.66 -44.91
C ILE A 84 -7.53 1.67 -43.65
N GLY A 85 -7.03 1.05 -42.58
CA GLY A 85 -7.78 0.91 -41.34
C GLY A 85 -8.15 2.22 -40.70
N ALA A 86 -7.26 3.20 -40.79
CA ALA A 86 -7.49 4.49 -40.17
C ALA A 86 -8.45 5.44 -40.91
N LEU A 87 -8.26 5.63 -42.22
CA LEU A 87 -9.22 6.46 -42.95
C LEU A 87 -10.57 5.74 -42.98
N ILE A 88 -10.53 4.41 -42.97
CA ILE A 88 -11.76 3.61 -42.80
C ILE A 88 -12.40 3.94 -41.47
N LEU A 89 -11.56 4.09 -40.45
CA LEU A 89 -12.01 4.26 -39.09
C LEU A 89 -12.27 5.73 -38.81
N ALA A 90 -12.24 6.52 -39.89
CA ALA A 90 -12.53 7.96 -39.83
C ALA A 90 -13.98 8.42 -40.15
N ALA A 91 -14.91 7.50 -40.36
CA ALA A 91 -16.31 7.92 -40.45
C ALA A 91 -17.17 6.99 -39.63
N SER A 92 -18.47 7.28 -39.55
CA SER A 92 -19.40 6.38 -38.88
C SER A 92 -20.84 6.49 -39.38
N THR A 93 -21.54 5.35 -39.43
CA THR A 93 -22.98 5.30 -39.60
C THR A 93 -23.61 4.36 -38.55
N ASN A 94 -23.31 3.06 -38.67
CA ASN A 94 -23.64 2.07 -37.63
C ASN A 94 -22.40 1.29 -37.12
N LEU A 95 -22.61 0.28 -36.27
CA LEU A 95 -21.51 -0.42 -35.56
C LEU A 95 -20.56 -1.25 -36.45
N ALA A 96 -20.94 -1.43 -37.71
CA ALA A 96 -20.14 -2.21 -38.66
C ALA A 96 -18.70 -1.71 -38.80
N LEU A 97 -18.53 -0.49 -39.33
CA LEU A 97 -17.19 0.08 -39.50
C LEU A 97 -16.38 0.15 -38.20
N LEU A 98 -17.07 0.03 -37.07
CA LEU A 98 -16.38 -0.15 -35.80
C LEU A 98 -15.85 -1.57 -35.68
N ILE A 99 -16.72 -2.57 -35.89
CA ILE A 99 -16.24 -3.97 -35.93
C ILE A 99 -15.09 -4.12 -36.97
N ILE A 100 -15.40 -4.04 -38.26
CA ILE A 100 -14.38 -4.27 -39.30
C ILE A 100 -13.27 -3.21 -39.27
N GLY A 101 -13.59 -1.98 -38.87
CA GLY A 101 -12.58 -0.95 -38.85
C GLY A 101 -11.52 -1.20 -37.79
N ARG A 102 -11.97 -1.31 -36.55
CA ARG A 102 -11.02 -1.62 -35.50
C ARG A 102 -10.33 -2.92 -35.86
N LEU A 103 -11.02 -3.78 -36.59
CA LEU A 103 -10.38 -4.96 -37.15
C LEU A 103 -9.13 -4.64 -38.04
N ILE A 104 -9.32 -3.95 -39.15
CA ILE A 104 -8.19 -3.70 -40.09
C ILE A 104 -7.09 -2.88 -39.43
N ILE A 105 -7.54 -1.81 -38.76
CA ILE A 105 -6.70 -0.97 -37.92
C ILE A 105 -5.86 -1.91 -37.02
N GLY A 106 -6.54 -2.93 -36.50
CA GLY A 106 -5.91 -3.96 -35.69
C GLY A 106 -4.81 -4.72 -36.38
N LEU A 107 -5.11 -5.28 -37.57
CA LEU A 107 -4.17 -6.06 -38.39
C LEU A 107 -2.86 -5.32 -38.64
N ALA A 108 -3.00 -4.04 -39.01
CA ALA A 108 -1.82 -3.19 -39.11
C ALA A 108 -1.05 -3.13 -37.79
N VAL A 109 -1.73 -2.83 -36.67
CA VAL A 109 -1.03 -2.74 -35.38
C VAL A 109 -0.25 -4.00 -34.97
N GLY A 110 -0.91 -5.15 -35.15
CA GLY A 110 -0.30 -6.44 -34.91
C GLY A 110 0.92 -6.51 -35.79
N GLY A 111 0.76 -6.05 -37.03
CA GLY A 111 1.87 -5.95 -37.95
C GLY A 111 3.02 -5.13 -37.38
N SER A 112 2.70 -4.06 -36.65
CA SER A 112 3.72 -3.24 -35.97
C SER A 112 4.53 -4.04 -34.95
N MET A 113 3.84 -4.48 -33.89
CA MET A 113 4.50 -5.21 -32.78
C MET A 113 5.27 -6.48 -33.24
N SER A 114 4.66 -7.24 -34.16
CA SER A 114 5.26 -8.46 -34.68
C SER A 114 6.39 -8.21 -35.70
N THR A 115 6.16 -7.36 -36.70
CA THR A 115 7.18 -7.12 -37.75
C THR A 115 8.29 -6.05 -37.56
N VAL A 116 7.95 -4.85 -37.08
CA VAL A 116 8.91 -3.74 -37.26
C VAL A 116 10.29 -3.77 -36.56
N PRO A 117 10.37 -4.28 -35.32
CA PRO A 117 11.71 -4.34 -34.71
C PRO A 117 12.63 -5.37 -35.38
N VAL A 118 12.04 -6.36 -36.06
CA VAL A 118 12.83 -7.35 -36.81
C VAL A 118 13.27 -6.82 -38.18
N TYR A 119 12.50 -5.90 -38.75
CA TYR A 119 12.92 -5.22 -39.99
C TYR A 119 14.03 -4.23 -39.63
N LEU A 120 13.92 -3.66 -38.42
CA LEU A 120 15.00 -2.86 -37.85
C LEU A 120 16.22 -3.77 -37.55
N SER A 121 15.92 -5.05 -37.27
CA SER A 121 16.94 -6.12 -37.09
C SER A 121 17.69 -6.51 -38.37
N GLU A 122 17.01 -6.45 -39.51
CA GLU A 122 17.68 -6.64 -40.81
C GLU A 122 18.47 -5.40 -41.21
N MET A 123 17.77 -4.31 -41.57
CA MET A 123 18.47 -3.14 -42.12
C MET A 123 19.43 -2.45 -41.14
N ALA A 124 19.35 -2.75 -39.84
CA ALA A 124 20.38 -2.27 -38.92
C ALA A 124 21.12 -3.44 -38.29
N PRO A 125 22.43 -3.26 -38.04
CA PRO A 125 23.22 -4.37 -37.52
C PRO A 125 22.62 -4.87 -36.22
N THR A 126 23.06 -6.04 -35.78
CA THR A 126 22.52 -6.65 -34.59
C THR A 126 23.17 -5.90 -33.39
N GLU A 127 23.82 -4.78 -33.73
CA GLU A 127 24.39 -3.82 -32.78
C GLU A 127 23.44 -2.68 -32.29
N TYR A 128 22.15 -2.75 -32.61
CA TYR A 128 21.20 -1.65 -32.28
C TYR A 128 19.85 -1.93 -31.51
N ARG A 129 18.97 -2.80 -32.03
CA ARG A 129 17.56 -2.92 -31.61
C ARG A 129 17.28 -3.20 -30.12
N GLY A 130 18.36 -3.28 -29.34
CA GLY A 130 18.33 -3.46 -27.90
C GLY A 130 18.07 -2.10 -27.30
N SER A 131 18.78 -1.71 -26.23
CA SER A 131 18.43 -0.52 -25.45
C SER A 131 18.02 0.71 -26.27
N LEU A 132 18.43 0.80 -27.53
CA LEU A 132 17.79 1.82 -28.38
C LEU A 132 16.55 1.32 -29.17
N GLY A 133 16.32 0.01 -29.16
CA GLY A 133 14.98 -0.48 -29.44
C GLY A 133 14.12 -0.01 -28.26
N SER A 134 14.76 0.09 -27.09
CA SER A 134 14.08 0.68 -25.93
C SER A 134 13.89 2.20 -26.12
N LEU A 135 14.77 2.81 -26.91
CA LEU A 135 14.50 4.18 -27.39
C LEU A 135 13.20 4.21 -28.24
N ASN A 136 13.04 3.24 -29.14
CA ASN A 136 11.75 3.05 -29.83
C ASN A 136 10.59 3.03 -28.84
N GLN A 137 10.80 2.32 -27.73
CA GLN A 137 9.84 2.34 -26.63
C GLN A 137 9.51 3.77 -26.10
N LEU A 138 10.55 4.59 -25.89
CA LEU A 138 10.30 5.99 -25.52
C LEU A 138 9.36 6.69 -26.52
N MET A 139 9.72 6.63 -27.81
CA MET A 139 8.88 7.32 -28.81
C MET A 139 7.45 6.76 -28.91
N ILE A 140 7.24 5.48 -28.61
CA ILE A 140 5.84 5.01 -28.56
C ILE A 140 5.06 5.54 -27.37
N THR A 141 5.63 5.60 -26.16
CA THR A 141 4.82 6.21 -25.09
C THR A 141 4.53 7.68 -25.36
N ILE A 142 5.37 8.33 -26.15
CA ILE A 142 4.95 9.63 -26.66
C ILE A 142 3.84 9.48 -27.69
N GLY A 143 3.83 8.37 -28.42
CA GLY A 143 2.81 8.18 -29.44
C GLY A 143 1.46 8.00 -28.84
N ILE A 144 1.44 7.29 -27.72
CA ILE A 144 0.25 6.99 -26.94
C ILE A 144 -0.16 8.29 -26.28
N LEU A 145 0.80 8.88 -25.57
CA LEU A 145 0.54 10.03 -24.72
C LEU A 145 0.00 11.15 -25.59
N ALA A 146 0.82 11.59 -26.53
CA ALA A 146 0.38 12.50 -27.57
C ALA A 146 -0.88 12.02 -28.30
N ALA A 147 -1.10 10.70 -28.38
CA ALA A 147 -2.31 10.19 -29.04
C ALA A 147 -3.55 10.76 -28.40
N TYR A 148 -3.85 10.31 -27.19
CA TYR A 148 -5.14 10.74 -26.62
C TYR A 148 -5.08 12.16 -26.10
N LEU A 149 -3.85 12.66 -26.02
CA LEU A 149 -3.60 14.07 -25.88
C LEU A 149 -4.32 14.83 -26.98
N VAL A 150 -4.00 14.51 -28.24
CA VAL A 150 -4.60 15.22 -29.38
C VAL A 150 -6.05 14.83 -29.57
N ASN A 151 -6.35 13.56 -29.29
CA ASN A 151 -7.73 13.08 -29.34
C ASN A 151 -8.62 13.99 -28.52
N TYR A 152 -8.20 14.23 -27.28
CA TYR A 152 -8.93 15.15 -26.41
C TYR A 152 -8.48 16.62 -26.53
N ALA A 153 -7.61 16.93 -27.49
CA ALA A 153 -7.46 18.32 -27.89
C ALA A 153 -8.57 18.74 -28.87
N PHE A 154 -8.82 17.88 -29.87
CA PHE A 154 -9.92 18.10 -30.80
C PHE A 154 -11.21 18.09 -30.00
N ALA A 155 -12.07 19.08 -30.25
CA ALA A 155 -13.21 19.28 -29.37
C ALA A 155 -14.51 18.60 -29.79
N ASP A 156 -14.50 17.79 -30.86
CA ASP A 156 -15.70 17.08 -31.31
C ASP A 156 -15.41 15.75 -32.04
N ILE A 157 -16.44 14.93 -32.21
CA ILE A 157 -16.33 13.58 -32.83
C ILE A 157 -15.91 13.55 -34.31
N GLU A 158 -16.60 14.34 -35.13
CA GLU A 158 -16.25 14.46 -36.55
C GLU A 158 -14.81 15.00 -36.68
N GLY A 159 -14.31 15.63 -35.62
CA GLY A 159 -12.96 16.17 -35.54
C GLY A 159 -11.86 15.22 -35.09
N TRP A 160 -12.22 14.24 -34.28
CA TRP A 160 -11.28 13.19 -33.99
C TRP A 160 -11.37 12.14 -35.08
N ARG A 161 -12.44 12.19 -35.88
CA ARG A 161 -12.54 11.37 -37.07
C ARG A 161 -11.63 12.01 -38.09
N TRP A 162 -11.70 13.34 -38.12
CA TRP A 162 -10.73 14.22 -38.77
C TRP A 162 -9.35 13.80 -38.28
N MET A 163 -9.29 13.34 -37.03
CA MET A 163 -8.02 12.82 -36.53
C MET A 163 -7.76 11.29 -36.63
N LEU A 164 -8.70 10.51 -37.18
CA LEU A 164 -8.39 9.16 -37.64
C LEU A 164 -7.87 9.23 -39.09
N GLY A 165 -8.28 10.27 -39.80
CA GLY A 165 -7.62 10.62 -41.04
C GLY A 165 -6.23 11.13 -40.67
N LEU A 166 -6.19 11.89 -39.59
CA LEU A 166 -4.91 12.26 -39.00
C LEU A 166 -4.24 11.05 -38.31
N ALA A 167 -4.91 9.89 -38.25
CA ALA A 167 -4.27 8.61 -37.93
C ALA A 167 -3.58 8.04 -39.16
N VAL A 168 -4.19 8.29 -40.32
CA VAL A 168 -3.58 7.95 -41.60
C VAL A 168 -2.31 8.75 -41.83
N VAL A 169 -2.28 9.98 -41.34
CA VAL A 169 -1.06 10.80 -41.49
C VAL A 169 0.25 10.14 -41.02
N PRO A 170 0.37 9.76 -39.73
CA PRO A 170 1.61 9.07 -39.39
C PRO A 170 1.63 7.67 -39.99
N SER A 171 0.45 7.14 -40.32
CA SER A 171 0.34 5.81 -40.91
C SER A 171 1.13 5.72 -42.20
N VAL A 172 1.19 6.82 -42.92
CA VAL A 172 1.90 6.86 -44.19
C VAL A 172 3.32 7.46 -44.14
N ILE A 173 3.76 7.97 -42.99
CA ILE A 173 5.12 8.51 -42.86
C ILE A 173 6.18 7.45 -42.57
N LEU A 174 5.78 6.43 -41.80
CA LEU A 174 6.61 5.25 -41.63
C LEU A 174 6.68 4.63 -42.99
N LEU A 175 5.54 4.57 -43.65
CA LEU A 175 5.44 4.19 -45.05
C LEU A 175 6.46 5.02 -45.84
N VAL A 176 6.42 6.35 -45.66
CA VAL A 176 7.44 7.24 -46.22
C VAL A 176 8.81 6.84 -45.70
N GLY A 177 8.87 6.49 -44.42
CA GLY A 177 10.09 5.99 -43.83
C GLY A 177 10.59 4.76 -44.57
N ILE A 178 9.67 3.91 -45.02
CA ILE A 178 10.06 2.75 -45.84
C ILE A 178 9.92 3.01 -47.35
N TYR A 179 9.53 4.23 -47.74
CA TYR A 179 9.31 4.58 -49.15
C TYR A 179 10.56 4.44 -50.02
N PHE A 180 11.58 5.22 -49.69
CA PHE A 180 12.81 5.23 -50.48
C PHE A 180 13.63 3.97 -50.25
N MET A 181 13.20 3.18 -49.27
CA MET A 181 13.96 2.02 -48.80
C MET A 181 14.15 0.94 -49.86
N PRO A 182 15.31 0.25 -49.83
CA PRO A 182 15.74 -0.84 -50.72
C PRO A 182 15.25 -2.23 -50.28
N GLU A 183 15.75 -3.27 -50.94
CA GLU A 183 15.39 -4.65 -50.61
C GLU A 183 15.86 -5.08 -49.19
N SER A 184 15.17 -6.06 -48.62
CA SER A 184 15.34 -6.40 -47.20
C SER A 184 16.56 -7.28 -46.99
N PRO A 185 17.57 -6.74 -46.30
CA PRO A 185 18.93 -7.29 -46.20
C PRO A 185 19.11 -8.67 -45.57
N ARG A 186 18.59 -8.95 -44.37
CA ARG A 186 18.84 -10.28 -43.81
C ARG A 186 17.84 -11.27 -44.40
N TRP A 187 16.80 -10.73 -45.06
CA TRP A 187 15.88 -11.53 -45.86
C TRP A 187 16.67 -12.12 -47.03
N LEU A 188 17.43 -11.26 -47.70
CA LEU A 188 18.42 -11.72 -48.67
C LEU A 188 19.38 -12.72 -48.00
N LEU A 189 19.93 -12.32 -46.85
CA LEU A 189 21.00 -13.04 -46.16
C LEU A 189 20.69 -14.50 -45.72
N GLU A 190 19.47 -14.77 -45.28
CA GLU A 190 19.02 -16.18 -45.14
C GLU A 190 18.41 -16.85 -46.40
N ASN A 191 17.75 -16.08 -47.26
CA ASN A 191 17.03 -16.65 -48.40
C ASN A 191 17.81 -16.82 -49.71
N ARG A 192 19.14 -16.64 -49.64
CA ARG A 192 20.09 -17.01 -50.72
C ARG A 192 20.31 -15.91 -51.77
N ASN A 193 19.61 -14.79 -51.58
CA ASN A 193 19.72 -13.56 -52.38
C ASN A 193 20.81 -12.60 -51.83
N GLU A 194 21.63 -13.10 -50.90
CA GLU A 194 22.43 -12.30 -49.95
C GLU A 194 23.41 -11.23 -50.46
N GLU A 195 23.69 -11.19 -51.75
CA GLU A 195 24.60 -10.19 -52.30
C GLU A 195 24.30 -8.81 -51.70
N ALA A 196 23.09 -8.34 -51.98
CA ALA A 196 22.61 -7.07 -51.45
C ALA A 196 22.68 -7.04 -49.93
N ALA A 197 22.61 -8.20 -49.28
CA ALA A 197 22.71 -8.25 -47.82
C ALA A 197 24.10 -7.89 -47.35
N ARG A 198 25.10 -8.59 -47.87
CA ARG A 198 26.50 -8.33 -47.54
C ARG A 198 26.81 -6.87 -47.77
N GLN A 199 26.50 -6.38 -48.97
CA GLN A 199 26.93 -5.01 -49.25
C GLN A 199 25.99 -3.89 -48.71
N VAL A 200 24.82 -4.28 -48.21
CA VAL A 200 23.99 -3.34 -47.44
C VAL A 200 24.57 -3.24 -46.03
N MET A 201 24.96 -4.40 -45.50
CA MET A 201 25.76 -4.46 -44.29
C MET A 201 26.95 -3.54 -44.48
N LYS A 202 27.44 -3.45 -45.72
CA LYS A 202 28.45 -2.44 -46.09
C LYS A 202 27.93 -0.97 -45.99
N ILE A 203 26.81 -0.61 -46.63
CA ILE A 203 26.36 0.81 -46.58
C ILE A 203 26.03 1.37 -45.19
N THR A 204 25.25 0.63 -44.41
CA THR A 204 24.77 1.18 -43.14
C THR A 204 25.89 1.54 -42.19
N TYR A 205 26.50 0.51 -41.60
CA TYR A 205 27.52 0.67 -40.56
C TYR A 205 29.05 0.47 -40.80
N ASP A 206 29.45 0.39 -42.06
CA ASP A 206 30.88 0.47 -42.48
C ASP A 206 31.86 -0.72 -42.26
N ASP A 207 31.40 -1.94 -42.51
CA ASP A 207 32.28 -3.04 -42.93
C ASP A 207 33.34 -3.55 -41.92
N SER A 208 33.56 -2.82 -40.84
CA SER A 208 34.56 -3.23 -39.84
C SER A 208 34.14 -4.41 -38.97
N GLU A 209 33.00 -4.27 -38.31
CA GLU A 209 32.46 -5.35 -37.49
C GLU A 209 31.48 -6.25 -38.27
N ILE A 210 31.05 -5.82 -39.45
CA ILE A 210 30.03 -6.58 -40.20
C ILE A 210 30.55 -7.91 -40.71
N ASP A 211 31.86 -8.13 -40.60
CA ASP A 211 32.39 -9.46 -40.81
C ASP A 211 31.82 -10.30 -39.67
N LYS A 212 32.06 -9.86 -38.44
CA LYS A 212 31.60 -10.56 -37.24
C LYS A 212 30.07 -10.55 -37.06
N GLU A 213 29.40 -9.56 -37.66
CA GLU A 213 27.93 -9.47 -37.63
C GLU A 213 27.17 -10.24 -38.74
N LEU A 214 27.67 -10.20 -39.96
CA LEU A 214 27.19 -11.06 -41.04
C LEU A 214 27.42 -12.48 -40.53
N LYS A 215 28.54 -12.63 -39.81
CA LYS A 215 28.89 -13.84 -39.08
C LYS A 215 27.86 -14.17 -38.01
N GLU A 216 27.49 -13.18 -37.18
CA GLU A 216 26.60 -13.44 -36.05
C GLU A 216 25.20 -13.82 -36.53
N MET A 217 24.71 -13.16 -37.58
CA MET A 217 23.40 -13.51 -38.10
C MET A 217 23.34 -14.70 -39.05
N LYS A 218 24.41 -15.04 -39.77
CA LYS A 218 24.39 -16.31 -40.51
C LYS A 218 24.69 -17.50 -39.59
N GLU A 219 25.40 -17.22 -38.50
CA GLU A 219 25.60 -18.20 -37.44
C GLU A 219 24.27 -18.45 -36.75
N ILE A 220 23.59 -17.40 -36.30
CA ILE A 220 22.29 -17.59 -35.63
C ILE A 220 21.21 -18.06 -36.60
N ASN A 221 21.32 -17.70 -37.88
CA ASN A 221 20.42 -18.24 -38.89
C ASN A 221 20.70 -19.73 -38.96
N ALA A 222 21.99 -20.06 -38.91
CA ALA A 222 22.39 -21.45 -38.90
C ALA A 222 21.77 -22.17 -37.69
N ILE A 223 22.24 -21.90 -36.47
CA ILE A 223 21.75 -22.64 -35.30
C ILE A 223 20.25 -22.46 -35.02
N SER A 224 19.58 -21.57 -35.75
CA SER A 224 18.10 -21.56 -35.76
C SER A 224 17.57 -22.66 -36.69
N GLU A 225 18.22 -22.78 -37.87
CA GLU A 225 18.04 -23.89 -38.81
C GLU A 225 18.25 -25.24 -38.10
N SER A 226 19.17 -25.26 -37.13
CA SER A 226 19.40 -26.46 -36.29
C SER A 226 18.44 -26.64 -35.08
N THR A 227 18.08 -25.55 -34.38
CA THR A 227 17.22 -25.63 -33.16
C THR A 227 15.70 -25.32 -33.14
N TRP A 228 15.02 -25.04 -34.28
CA TRP A 228 13.54 -24.96 -34.20
C TRP A 228 12.76 -26.30 -34.03
N THR A 229 13.44 -27.45 -34.10
CA THR A 229 12.83 -28.80 -34.00
C THR A 229 12.55 -29.43 -32.60
N VAL A 230 13.44 -29.23 -31.63
CA VAL A 230 13.28 -29.85 -30.29
C VAL A 230 12.33 -28.97 -29.46
N ILE A 231 11.73 -27.97 -30.12
CA ILE A 231 10.94 -26.88 -29.51
C ILE A 231 9.50 -27.16 -28.99
N LYS A 232 8.54 -27.42 -29.90
CA LYS A 232 7.11 -27.21 -29.64
C LYS A 232 6.38 -28.07 -28.56
N SER A 233 6.90 -29.27 -28.26
CA SER A 233 6.33 -30.23 -27.28
C SER A 233 6.86 -29.99 -25.82
N PRO A 234 6.72 -30.96 -24.87
CA PRO A 234 7.30 -30.83 -23.52
C PRO A 234 8.74 -30.31 -23.36
N TRP A 235 9.38 -30.55 -22.22
CA TRP A 235 9.80 -29.50 -21.29
C TRP A 235 9.96 -28.07 -21.83
N LEU A 236 10.48 -27.91 -23.03
CA LEU A 236 10.52 -26.59 -23.65
C LEU A 236 9.11 -25.99 -23.79
N GLY A 237 8.13 -26.85 -24.06
CA GLY A 237 6.74 -26.41 -24.13
C GLY A 237 6.19 -26.02 -22.78
N ARG A 238 6.79 -26.56 -21.72
CA ARG A 238 6.46 -26.13 -20.36
C ARG A 238 6.95 -24.68 -20.16
N ILE A 239 8.21 -24.40 -20.52
CA ILE A 239 8.69 -23.01 -20.41
C ILE A 239 7.93 -22.00 -21.29
N LEU A 240 7.42 -22.45 -22.43
CA LEU A 240 6.59 -21.55 -23.24
C LEU A 240 5.19 -21.36 -22.65
N ILE A 241 4.62 -22.43 -22.11
CA ILE A 241 3.35 -22.34 -21.36
C ILE A 241 3.44 -21.25 -20.29
N VAL A 242 4.52 -21.26 -19.51
CA VAL A 242 4.66 -20.26 -18.44
C VAL A 242 5.25 -18.89 -18.90
N GLY A 243 5.82 -18.82 -20.10
CA GLY A 243 6.16 -17.53 -20.70
C GLY A 243 4.91 -16.87 -21.24
N CYS A 244 3.91 -17.71 -21.48
CA CYS A 244 2.54 -17.27 -21.80
C CYS A 244 1.61 -16.91 -20.57
N ILE A 245 1.88 -17.54 -19.43
CA ILE A 245 1.29 -17.11 -18.16
C ILE A 245 1.99 -15.81 -17.65
N PHE A 246 3.27 -15.67 -17.98
CA PHE A 246 4.01 -14.39 -18.01
C PHE A 246 3.24 -13.33 -18.82
N ALA A 247 2.79 -13.70 -20.04
CA ALA A 247 2.08 -12.78 -20.94
C ALA A 247 0.62 -12.40 -20.61
N ILE A 248 -0.01 -13.31 -19.86
CA ILE A 248 -1.29 -13.09 -19.17
C ILE A 248 -1.29 -12.33 -17.80
N PHE A 249 -0.34 -12.57 -16.86
CA PHE A 249 -0.20 -11.70 -15.65
C PHE A 249 0.63 -10.47 -16.02
N GLN A 250 0.98 -10.40 -17.32
CA GLN A 250 1.27 -9.11 -17.98
C GLN A 250 0.08 -8.31 -18.53
N GLN A 251 -0.94 -8.90 -19.15
CA GLN A 251 -2.17 -8.05 -19.35
C GLN A 251 -3.47 -8.09 -18.44
N PHE A 252 -3.58 -9.02 -17.51
CA PHE A 252 -4.69 -9.00 -16.58
C PHE A 252 -4.40 -7.94 -15.51
N ILE A 253 -3.13 -7.55 -15.49
CA ILE A 253 -2.68 -6.45 -14.64
C ILE A 253 -1.98 -5.52 -15.66
N GLY A 254 -2.61 -4.37 -15.91
CA GLY A 254 -2.05 -3.39 -16.82
C GLY A 254 -3.00 -2.31 -17.32
N ILE A 255 -2.40 -1.33 -18.01
CA ILE A 255 -3.09 -0.16 -18.58
C ILE A 255 -3.71 -0.36 -19.94
N ASN A 256 -3.70 -1.55 -20.50
CA ASN A 256 -4.32 -1.69 -21.82
C ASN A 256 -5.86 -1.81 -21.76
N ALA A 257 -6.42 -1.73 -20.54
CA ALA A 257 -7.84 -1.37 -20.31
C ALA A 257 -7.89 0.09 -19.80
N VAL A 258 -7.27 0.21 -18.63
CA VAL A 258 -7.14 1.41 -17.87
C VAL A 258 -6.69 2.64 -18.69
N ILE A 259 -6.15 2.47 -19.89
CA ILE A 259 -5.71 3.68 -20.62
C ILE A 259 -6.91 4.39 -21.21
N PHE A 260 -7.52 3.72 -22.17
CA PHE A 260 -8.64 4.28 -22.86
C PHE A 260 -9.77 4.40 -21.89
N TYR A 261 -10.08 3.32 -21.19
CA TYR A 261 -11.14 3.45 -20.21
C TYR A 261 -10.77 4.24 -18.96
N SER A 262 -9.51 4.70 -18.87
CA SER A 262 -9.25 5.89 -18.04
C SER A 262 -9.45 7.24 -18.73
N SER A 263 -9.52 7.32 -20.05
CA SER A 263 -10.17 8.56 -20.48
C SER A 263 -11.71 8.46 -20.19
N SER A 264 -12.19 7.21 -20.19
CA SER A 264 -13.53 6.84 -19.74
C SER A 264 -13.72 7.21 -18.29
N ILE A 265 -12.78 6.84 -17.41
CA ILE A 265 -12.97 7.15 -15.97
C ILE A 265 -12.58 8.59 -15.52
N PHE A 266 -11.54 9.16 -16.13
CA PHE A 266 -11.36 10.63 -15.94
C PHE A 266 -12.54 11.61 -16.40
N ALA A 267 -13.34 11.22 -17.46
CA ALA A 267 -14.63 11.91 -17.81
C ALA A 267 -15.98 11.24 -17.31
N LYS A 268 -16.23 10.01 -17.76
CA LYS A 268 -17.38 9.20 -17.32
C LYS A 268 -17.34 8.73 -15.87
N ALA A 269 -16.25 9.03 -15.17
CA ALA A 269 -16.25 8.90 -13.71
C ALA A 269 -15.95 10.31 -13.33
N GLY A 270 -14.87 10.81 -13.89
CA GLY A 270 -14.41 12.13 -13.53
C GLY A 270 -15.32 13.35 -13.77
N LEU A 271 -16.52 13.15 -14.33
CA LEU A 271 -17.52 14.23 -14.43
C LEU A 271 -17.04 15.48 -15.20
N GLY A 272 -16.98 15.31 -16.52
CA GLY A 272 -16.42 16.30 -17.44
C GLY A 272 -15.05 15.83 -17.88
N GLU A 273 -14.70 16.12 -19.13
CA GLU A 273 -13.51 15.51 -19.71
C GLU A 273 -12.35 16.43 -19.52
N ALA A 274 -12.59 17.55 -18.86
CA ALA A 274 -11.53 18.45 -18.45
C ALA A 274 -10.43 17.57 -17.84
N ALA A 275 -10.87 16.63 -17.01
CA ALA A 275 -9.96 15.70 -16.40
C ALA A 275 -9.70 14.57 -17.35
N SER A 276 -10.26 14.60 -18.56
CA SER A 276 -9.74 13.72 -19.60
C SER A 276 -8.47 14.31 -20.28
N ILE A 277 -8.38 15.64 -20.39
CA ILE A 277 -7.10 16.22 -20.78
C ILE A 277 -6.06 16.26 -19.62
N LEU A 278 -6.45 16.81 -18.47
CA LEU A 278 -5.50 16.91 -17.36
C LEU A 278 -5.39 15.58 -16.68
N GLY A 279 -6.55 14.96 -16.50
CA GLY A 279 -6.55 13.63 -15.94
C GLY A 279 -5.86 12.68 -16.89
N SER A 280 -6.36 12.52 -18.11
CA SER A 280 -5.78 11.42 -18.88
C SER A 280 -4.45 11.73 -19.53
N VAL A 281 -4.33 12.93 -20.06
CA VAL A 281 -3.06 13.27 -20.63
C VAL A 281 -2.04 13.55 -19.52
N GLY A 282 -2.43 14.29 -18.49
CA GLY A 282 -1.55 14.53 -17.37
C GLY A 282 -1.04 13.20 -16.81
N ILE A 283 -1.96 12.28 -16.55
CA ILE A 283 -1.56 10.95 -16.11
C ILE A 283 -0.62 10.31 -17.12
N GLY A 284 -0.84 10.55 -18.42
CA GLY A 284 0.05 9.95 -19.40
C GLY A 284 1.47 10.48 -19.33
N THR A 285 1.60 11.73 -18.90
CA THR A 285 2.91 12.33 -18.73
C THR A 285 3.57 11.84 -17.45
N ILE A 286 2.75 11.45 -16.49
CA ILE A 286 3.28 10.72 -15.33
C ILE A 286 3.85 9.36 -15.82
N ASN A 287 3.14 8.74 -16.79
CA ASN A 287 3.61 7.53 -17.47
C ASN A 287 4.98 7.74 -18.12
N VAL A 288 5.10 8.83 -18.87
CA VAL A 288 6.36 9.19 -19.49
C VAL A 288 7.48 9.38 -18.44
N LEU A 289 7.16 10.05 -17.34
CA LEU A 289 8.13 10.25 -16.25
C LEU A 289 8.71 8.93 -15.80
N VAL A 290 7.82 8.00 -15.46
CA VAL A 290 8.30 6.72 -14.97
C VAL A 290 8.96 5.88 -16.08
N THR A 291 8.70 6.22 -17.34
CA THR A 291 9.40 5.54 -18.44
C THR A 291 10.85 6.03 -18.70
N ILE A 292 11.09 7.32 -18.47
CA ILE A 292 12.45 7.81 -18.42
C ILE A 292 13.14 7.09 -17.23
N VAL A 293 12.40 7.01 -16.11
CA VAL A 293 12.82 6.19 -14.97
C VAL A 293 13.18 4.76 -15.42
N ALA A 294 12.48 4.26 -16.44
CA ALA A 294 12.83 2.97 -17.04
C ALA A 294 14.12 2.96 -17.87
N ILE A 295 14.41 4.05 -18.59
CA ILE A 295 15.70 4.14 -19.29
C ILE A 295 16.81 3.88 -18.30
N PHE A 296 16.71 4.53 -17.14
CA PHE A 296 17.78 4.38 -16.15
C PHE A 296 17.76 3.13 -15.22
N VAL A 297 16.59 2.76 -14.70
CA VAL A 297 16.50 1.79 -13.59
C VAL A 297 16.61 0.33 -14.01
N VAL A 298 16.95 0.10 -15.28
CA VAL A 298 17.19 -1.25 -15.76
C VAL A 298 18.09 -2.02 -14.80
N ASP A 299 19.27 -1.46 -14.54
CA ASP A 299 20.39 -2.19 -13.95
C ASP A 299 20.53 -2.37 -12.40
N LYS A 300 20.32 -1.31 -11.60
CA LYS A 300 20.84 -1.27 -10.20
C LYS A 300 20.23 -2.15 -9.08
N ILE A 301 18.93 -2.05 -8.84
CA ILE A 301 18.36 -2.65 -7.62
C ILE A 301 17.98 -4.13 -7.75
N ASP A 302 16.97 -4.41 -8.59
CA ASP A 302 16.50 -5.75 -8.92
C ASP A 302 15.43 -5.58 -10.01
N ARG A 303 15.20 -6.60 -10.83
CA ARG A 303 13.98 -6.67 -11.64
C ARG A 303 12.82 -7.40 -10.92
N LYS A 304 13.15 -8.52 -10.27
CA LYS A 304 12.18 -9.37 -9.55
C LYS A 304 11.47 -8.63 -8.42
N LYS A 305 12.26 -8.10 -7.50
CA LYS A 305 11.68 -7.46 -6.32
C LYS A 305 11.02 -6.09 -6.61
N LEU A 306 11.26 -5.52 -7.79
CA LEU A 306 10.47 -4.34 -8.22
C LEU A 306 9.26 -4.70 -9.06
N LEU A 307 9.25 -5.93 -9.58
CA LEU A 307 8.00 -6.47 -10.08
C LEU A 307 7.15 -6.65 -8.87
N VAL A 308 7.82 -7.12 -7.80
CA VAL A 308 7.27 -7.32 -6.46
C VAL A 308 6.68 -6.02 -5.94
N GLY A 309 7.51 -5.04 -5.60
CA GLY A 309 7.04 -3.76 -5.11
C GLY A 309 6.08 -3.12 -6.08
N GLY A 310 6.23 -3.47 -7.35
CA GLY A 310 5.40 -2.91 -8.39
C GLY A 310 3.96 -3.34 -8.29
N ASN A 311 3.74 -4.66 -8.28
CA ASN A 311 2.40 -5.20 -8.25
C ASN A 311 1.86 -5.13 -6.85
N ILE A 312 2.78 -5.15 -5.91
CA ILE A 312 2.58 -4.77 -4.53
C ILE A 312 1.73 -3.46 -4.57
N GLY A 313 2.28 -2.43 -5.21
CA GLY A 313 1.70 -1.08 -5.27
C GLY A 313 0.55 -0.91 -6.24
N MET A 314 0.59 -1.73 -7.28
CA MET A 314 -0.58 -1.98 -8.10
C MET A 314 -1.69 -2.20 -7.03
N ILE A 315 -1.62 -3.30 -6.28
CA ILE A 315 -2.68 -3.69 -5.30
C ILE A 315 -2.95 -2.67 -4.15
N ALA A 316 -1.88 -1.94 -3.77
CA ALA A 316 -1.95 -0.71 -3.00
C ALA A 316 -3.11 0.23 -3.47
N SER A 317 -2.94 0.78 -4.68
CA SER A 317 -3.93 1.66 -5.38
C SER A 317 -5.15 0.97 -5.95
N LEU A 318 -5.09 -0.33 -5.91
CA LEU A 318 -6.11 -1.13 -6.46
C LEU A 318 -7.21 -1.21 -5.47
N LEU A 319 -6.87 -1.70 -4.27
CA LEU A 319 -7.73 -1.52 -3.06
C LEU A 319 -8.04 -0.05 -2.71
N ILE A 320 -7.02 0.81 -2.62
CA ILE A 320 -7.31 2.21 -2.29
C ILE A 320 -8.40 2.79 -3.14
N MET A 321 -8.24 2.64 -4.46
CA MET A 321 -9.26 3.01 -5.37
C MET A 321 -10.49 2.39 -4.78
N ALA A 322 -10.43 1.07 -4.60
CA ALA A 322 -11.63 0.28 -4.27
C ALA A 322 -12.45 0.77 -3.07
N ILE A 323 -11.79 1.05 -1.94
CA ILE A 323 -12.52 1.53 -0.74
C ILE A 323 -12.93 3.05 -0.74
N LEU A 324 -12.01 3.86 -1.30
CA LEU A 324 -12.30 5.21 -1.81
C LEU A 324 -13.61 5.27 -2.64
N ILE A 325 -13.94 4.20 -3.38
CA ILE A 325 -15.27 4.08 -4.01
C ILE A 325 -16.45 3.44 -3.23
N TRP A 326 -16.23 2.37 -2.45
CA TRP A 326 -17.39 1.83 -1.71
C TRP A 326 -17.94 2.85 -0.72
N THR A 327 -17.06 3.73 -0.26
CA THR A 327 -17.46 4.92 0.46
C THR A 327 -18.22 5.91 -0.46
N ILE A 328 -18.20 5.64 -1.77
CA ILE A 328 -19.12 6.28 -2.71
C ILE A 328 -18.92 7.81 -2.88
N GLY A 329 -17.71 8.27 -2.59
CA GLY A 329 -17.34 9.67 -2.58
C GLY A 329 -17.05 10.29 -3.94
N ILE A 330 -17.53 9.67 -5.03
CA ILE A 330 -16.93 9.80 -6.38
C ILE A 330 -16.69 11.18 -7.05
N ALA A 331 -17.22 12.28 -6.53
CA ALA A 331 -16.67 13.58 -6.95
C ALA A 331 -15.22 13.58 -6.45
N SER A 332 -15.10 13.48 -5.13
CA SER A 332 -13.78 13.43 -4.53
C SER A 332 -13.07 12.09 -4.78
N SER A 333 -13.82 11.00 -4.95
CA SER A 333 -13.23 9.69 -5.25
C SER A 333 -12.62 9.58 -6.66
N ALA A 334 -13.20 10.36 -7.58
CA ALA A 334 -12.61 10.55 -8.88
C ALA A 334 -11.35 11.41 -8.80
N TRP A 335 -11.41 12.54 -8.08
CA TRP A 335 -10.17 13.33 -7.92
C TRP A 335 -9.05 12.36 -7.46
N ILE A 336 -9.31 11.71 -6.33
CA ILE A 336 -8.36 10.71 -5.85
C ILE A 336 -8.26 9.54 -6.83
N ILE A 337 -9.05 9.50 -7.90
CA ILE A 337 -8.85 8.50 -8.96
C ILE A 337 -7.89 8.78 -10.16
N ILE A 338 -7.88 10.04 -10.62
CA ILE A 338 -6.75 10.47 -11.45
C ILE A 338 -5.64 9.96 -10.59
N VAL A 339 -5.71 10.34 -9.30
CA VAL A 339 -4.70 9.89 -8.32
C VAL A 339 -4.38 8.38 -8.31
N CYS A 340 -5.35 7.59 -7.84
CA CYS A 340 -5.21 6.15 -7.57
C CYS A 340 -4.59 5.55 -8.80
N LEU A 341 -5.16 5.97 -9.93
CA LEU A 341 -4.68 5.54 -11.20
C LEU A 341 -3.20 5.85 -11.19
N SER A 342 -2.86 7.14 -10.97
CA SER A 342 -1.52 7.67 -11.22
C SER A 342 -0.61 6.69 -10.57
N LEU A 343 -1.00 6.29 -9.36
CA LEU A 343 -0.29 5.16 -8.70
C LEU A 343 -0.24 3.88 -9.59
N PHE A 344 -1.38 3.20 -9.85
CA PHE A 344 -1.36 1.89 -10.57
C PHE A 344 -0.48 1.98 -11.80
N ILE A 345 -0.62 3.09 -12.52
CA ILE A 345 0.18 3.44 -13.67
C ILE A 345 1.67 3.68 -13.34
N VAL A 346 1.95 4.11 -12.12
CA VAL A 346 3.35 4.33 -11.67
C VAL A 346 4.07 3.06 -11.23
N PHE A 347 3.33 2.12 -10.66
CA PHE A 347 3.88 0.84 -10.23
C PHE A 347 3.98 -0.11 -11.38
N PHE A 348 2.98 -0.06 -12.26
CA PHE A 348 3.09 -0.70 -13.56
C PHE A 348 4.29 -0.08 -14.28
N GLY A 349 4.34 1.24 -14.32
CA GLY A 349 5.53 1.96 -14.79
C GLY A 349 6.96 1.61 -14.29
N ILE A 350 7.17 1.51 -12.96
CA ILE A 350 8.46 1.03 -12.42
C ILE A 350 8.62 -0.38 -12.92
N SER A 351 7.52 -1.12 -13.09
CA SER A 351 7.75 -2.52 -13.34
C SER A 351 7.26 -3.14 -14.69
N TRP A 352 6.04 -3.58 -14.86
CA TRP A 352 5.85 -4.68 -15.83
C TRP A 352 5.43 -4.40 -17.30
N GLY A 353 5.41 -3.11 -17.64
CA GLY A 353 5.19 -2.64 -18.99
C GLY A 353 6.37 -2.95 -19.89
N PRO A 354 7.57 -2.48 -19.52
CA PRO A 354 8.91 -2.90 -20.01
C PRO A 354 9.60 -4.14 -19.41
N VAL A 355 9.61 -4.29 -18.08
CA VAL A 355 10.64 -5.18 -17.50
C VAL A 355 10.39 -6.66 -17.73
N LEU A 356 9.15 -7.10 -17.60
CA LEU A 356 8.82 -8.48 -17.98
C LEU A 356 9.23 -8.77 -19.48
N TRP A 357 8.88 -7.82 -20.35
CA TRP A 357 9.18 -7.89 -21.79
C TRP A 357 10.67 -8.00 -22.15
N VAL A 358 11.55 -7.34 -21.39
CA VAL A 358 13.00 -7.56 -21.61
C VAL A 358 13.45 -8.87 -20.97
N MET A 359 12.71 -9.35 -19.96
CA MET A 359 13.07 -10.61 -19.31
C MET A 359 12.69 -11.89 -20.07
N LEU A 360 11.77 -11.80 -21.03
CA LEU A 360 11.60 -12.96 -21.92
C LEU A 360 12.79 -13.29 -22.84
N PRO A 361 13.50 -12.28 -23.38
CA PRO A 361 14.81 -12.53 -23.99
C PRO A 361 15.91 -12.92 -22.99
N GLU A 362 15.72 -12.58 -21.72
CA GLU A 362 16.70 -12.87 -20.66
C GLU A 362 16.42 -14.23 -20.00
N LEU A 363 15.43 -14.93 -20.53
CA LEU A 363 14.98 -16.22 -20.00
C LEU A 363 15.41 -17.36 -20.93
N PHE A 364 14.66 -17.50 -22.03
CA PHE A 364 14.87 -18.54 -23.04
C PHE A 364 16.28 -18.40 -23.60
N PRO A 365 16.82 -19.46 -24.20
CA PRO A 365 18.20 -19.47 -24.72
C PRO A 365 18.55 -18.28 -25.63
N MET A 366 19.83 -17.90 -25.60
CA MET A 366 20.40 -16.93 -26.54
C MET A 366 20.11 -17.40 -27.96
N ARG A 367 20.24 -18.70 -28.16
CA ARG A 367 20.22 -19.27 -29.49
C ARG A 367 18.76 -19.46 -30.06
N ALA A 368 17.80 -19.91 -29.24
CA ALA A 368 16.42 -20.02 -29.72
C ALA A 368 15.47 -19.04 -29.03
N ARG A 369 14.87 -18.14 -29.82
CA ARG A 369 14.04 -17.06 -29.28
C ARG A 369 12.65 -16.94 -29.91
N GLY A 370 12.63 -16.69 -31.21
CA GLY A 370 11.46 -16.22 -31.95
C GLY A 370 10.09 -16.89 -31.83
N ALA A 371 10.03 -18.20 -32.06
CA ALA A 371 8.76 -18.92 -31.95
C ALA A 371 8.14 -18.69 -30.58
N ALA A 372 8.95 -18.84 -29.53
CA ALA A 372 8.50 -18.67 -28.15
C ALA A 372 8.17 -17.22 -27.73
N THR A 373 8.93 -16.23 -28.22
CA THR A 373 8.62 -14.85 -27.82
C THR A 373 7.45 -14.21 -28.61
N GLY A 374 7.36 -14.51 -29.91
CA GLY A 374 6.19 -14.17 -30.70
C GLY A 374 4.92 -14.91 -30.26
N ILE A 375 5.05 -16.18 -29.86
CA ILE A 375 3.91 -16.91 -29.32
C ILE A 375 3.52 -16.41 -27.92
N SER A 376 4.54 -16.09 -27.12
CA SER A 376 4.26 -15.43 -25.84
C SER A 376 3.48 -14.17 -26.13
N ALA A 377 3.84 -13.45 -27.20
CA ALA A 377 3.05 -12.29 -27.65
C ALA A 377 1.61 -12.61 -28.06
N LEU A 378 1.39 -13.77 -28.67
CA LEU A 378 0.03 -14.19 -29.00
C LEU A 378 -0.80 -14.32 -27.72
N VAL A 379 -0.26 -15.04 -26.74
CA VAL A 379 -0.98 -15.24 -25.49
C VAL A 379 -1.14 -13.90 -24.71
N LEU A 380 -0.15 -13.03 -24.93
CA LEU A 380 -0.13 -11.69 -24.36
C LEU A 380 -1.39 -10.95 -24.78
N ASN A 381 -1.54 -10.87 -26.09
CA ASN A 381 -2.70 -10.21 -26.67
C ASN A 381 -4.03 -10.86 -26.29
N ILE A 382 -3.99 -12.19 -26.11
CA ILE A 382 -5.16 -12.89 -25.57
C ILE A 382 -5.55 -12.20 -24.26
N GLY A 383 -4.56 -11.97 -23.41
CA GLY A 383 -4.81 -11.22 -22.18
C GLY A 383 -5.41 -9.85 -22.47
N THR A 384 -4.69 -9.05 -23.29
CA THR A 384 -5.14 -7.68 -23.62
C THR A 384 -6.62 -7.62 -24.06
N LEU A 385 -7.00 -8.49 -25.00
CA LEU A 385 -8.34 -8.52 -25.58
C LEU A 385 -9.39 -9.03 -24.59
N ILE A 386 -9.00 -9.98 -23.74
CA ILE A 386 -9.88 -10.47 -22.66
C ILE A 386 -10.27 -9.31 -21.77
N VAL A 387 -9.28 -8.47 -21.50
CA VAL A 387 -9.54 -7.29 -20.68
C VAL A 387 -10.46 -6.36 -21.46
N SER A 388 -10.15 -6.19 -22.75
CA SER A 388 -10.97 -5.36 -23.64
C SER A 388 -12.46 -5.73 -23.61
N LEU A 389 -12.79 -6.88 -24.20
CA LEU A 389 -14.15 -7.35 -24.18
C LEU A 389 -14.69 -7.43 -22.74
N PHE A 390 -14.19 -8.38 -21.96
CA PHE A 390 -14.86 -8.71 -20.72
C PHE A 390 -15.03 -7.46 -19.87
N PHE A 391 -13.92 -6.79 -19.59
CA PHE A 391 -13.86 -5.88 -18.45
C PHE A 391 -14.65 -4.55 -18.53
N PRO A 392 -14.43 -3.74 -19.57
CA PRO A 392 -15.30 -2.56 -19.66
C PRO A 392 -16.79 -2.82 -19.79
N ILE A 393 -17.23 -4.03 -20.11
CA ILE A 393 -18.68 -4.24 -20.14
C ILE A 393 -19.28 -4.24 -18.72
N LEU A 394 -18.43 -4.42 -17.70
CA LEU A 394 -18.87 -4.43 -16.31
C LEU A 394 -19.08 -3.02 -15.78
N SER A 395 -18.63 -2.06 -16.58
CA SER A 395 -18.59 -0.65 -16.17
C SER A 395 -19.98 0.00 -16.15
N ASP A 396 -20.92 -0.54 -16.91
CA ASP A 396 -22.28 -0.02 -16.89
C ASP A 396 -23.07 -0.77 -15.82
N ALA A 397 -22.37 -1.60 -15.05
CA ALA A 397 -23.05 -2.55 -14.16
C ALA A 397 -23.02 -2.27 -12.64
N LEU A 398 -21.92 -2.58 -11.96
CA LEU A 398 -22.01 -2.79 -10.50
C LEU A 398 -21.60 -1.70 -9.50
N SER A 399 -21.18 -0.53 -9.97
CA SER A 399 -20.63 0.49 -9.06
C SER A 399 -19.44 -0.06 -8.28
N THR A 400 -18.30 -0.24 -8.96
CA THR A 400 -17.27 -1.19 -8.48
C THR A 400 -16.03 -0.74 -7.66
N GLU A 401 -16.07 -1.20 -6.41
CA GLU A 401 -14.90 -1.54 -5.62
C GLU A 401 -14.25 -2.53 -6.55
N TRP A 402 -15.11 -3.21 -7.30
CA TRP A 402 -14.77 -4.40 -8.05
C TRP A 402 -13.79 -4.44 -9.26
N VAL A 403 -13.54 -3.41 -10.10
CA VAL A 403 -12.40 -3.66 -11.02
C VAL A 403 -11.27 -3.77 -10.05
N PHE A 404 -10.85 -2.64 -9.57
CA PHE A 404 -9.54 -2.63 -8.95
C PHE A 404 -9.49 -3.32 -7.56
N LEU A 405 -10.61 -3.79 -7.03
CA LEU A 405 -10.43 -4.79 -5.99
C LEU A 405 -10.16 -6.12 -6.70
N ILE A 406 -10.86 -6.33 -7.81
CA ILE A 406 -10.47 -7.50 -8.58
C ILE A 406 -8.96 -7.38 -8.97
N PHE A 407 -8.65 -6.38 -9.80
CA PHE A 407 -7.35 -6.11 -10.40
C PHE A 407 -6.28 -6.09 -9.31
N ALA A 408 -6.70 -5.73 -8.09
CA ALA A 408 -5.94 -6.02 -6.85
C ALA A 408 -5.59 -7.48 -6.77
N PHE A 409 -6.58 -8.37 -6.86
CA PHE A 409 -6.25 -9.81 -6.83
C PHE A 409 -5.42 -10.29 -8.03
N ILE A 410 -5.50 -9.50 -9.08
CA ILE A 410 -4.73 -9.83 -10.24
C ILE A 410 -3.26 -9.48 -10.01
N GLY A 411 -2.99 -8.26 -9.55
CA GLY A 411 -1.66 -7.87 -9.18
C GLY A 411 -1.19 -8.68 -7.97
N VAL A 412 -2.14 -9.51 -7.46
CA VAL A 412 -2.00 -10.30 -6.22
C VAL A 412 -1.37 -11.64 -6.53
N LEU A 413 -2.00 -12.45 -7.39
CA LEU A 413 -1.40 -13.73 -7.82
C LEU A 413 -0.29 -13.40 -8.80
N ALA A 414 -0.26 -12.13 -9.19
CA ALA A 414 0.91 -11.54 -9.85
C ALA A 414 1.95 -11.12 -8.82
N MET A 415 1.52 -10.99 -7.56
CA MET A 415 2.45 -10.92 -6.44
C MET A 415 2.94 -12.28 -5.91
N ILE A 416 2.10 -13.30 -6.04
CA ILE A 416 2.42 -14.64 -5.59
C ILE A 416 3.24 -15.46 -6.61
N PHE A 417 2.87 -15.37 -7.89
CA PHE A 417 3.61 -16.11 -8.93
C PHE A 417 5.07 -15.57 -9.04
N VAL A 418 5.32 -14.30 -8.74
CA VAL A 418 6.71 -13.85 -8.75
C VAL A 418 7.73 -14.58 -7.81
N ILE A 419 7.56 -14.51 -6.49
CA ILE A 419 8.53 -15.14 -5.60
C ILE A 419 8.20 -16.64 -5.42
N LYS A 420 7.05 -17.09 -5.93
CA LYS A 420 6.81 -18.54 -6.06
C LYS A 420 7.61 -19.11 -7.26
N PHE A 421 7.71 -18.35 -8.35
CA PHE A 421 8.32 -18.86 -9.58
C PHE A 421 9.60 -18.14 -9.99
N LEU A 422 9.46 -16.87 -10.40
CA LEU A 422 10.62 -16.10 -10.87
C LEU A 422 11.85 -16.14 -9.95
N PRO A 423 13.02 -16.43 -10.55
CA PRO A 423 14.34 -16.20 -9.99
C PRO A 423 14.76 -14.80 -10.37
N GLU A 424 15.96 -14.38 -10.00
CA GLU A 424 16.44 -13.07 -10.40
C GLU A 424 17.44 -13.21 -11.53
N THR A 425 17.45 -12.24 -12.42
CA THR A 425 18.26 -12.38 -13.62
C THR A 425 19.64 -11.74 -13.51
N ARG A 426 19.93 -10.98 -12.46
CA ARG A 426 21.26 -10.36 -12.35
C ARG A 426 22.32 -11.19 -11.60
N GLY A 427 23.35 -11.64 -12.32
CA GLY A 427 24.42 -12.47 -11.78
C GLY A 427 25.27 -13.14 -12.86
N LEU B 7 10.70 19.16 35.55
CA LEU B 7 11.10 18.78 36.91
C LEU B 7 10.10 17.77 37.54
N ILE B 8 9.23 18.31 38.39
CA ILE B 8 8.15 17.55 39.04
C ILE B 8 7.40 16.70 37.99
N PHE B 9 7.17 17.34 36.84
CA PHE B 9 6.52 16.76 35.66
C PHE B 9 7.25 15.54 35.09
N ILE B 10 8.57 15.60 34.95
CA ILE B 10 9.34 14.46 34.47
C ILE B 10 9.30 13.31 35.49
N LEU B 11 9.22 13.64 36.79
CA LEU B 11 9.10 12.56 37.79
C LEU B 11 7.74 11.85 37.83
N GLY B 12 6.67 12.52 37.40
CA GLY B 12 5.43 11.77 37.15
C GLY B 12 5.43 11.08 35.78
N ALA B 13 6.19 11.70 34.88
CA ALA B 13 6.42 11.16 33.56
C ALA B 13 7.12 9.81 33.70
N LEU B 14 7.87 9.61 34.78
CA LEU B 14 8.41 8.27 35.08
C LEU B 14 7.27 7.25 35.26
N GLY B 15 6.09 7.73 35.63
CA GLY B 15 4.89 6.91 35.70
C GLY B 15 4.23 6.65 34.35
N GLY B 16 4.11 7.69 33.53
CA GLY B 16 3.61 7.44 32.17
C GLY B 16 4.51 6.41 31.50
N LEU B 17 5.80 6.67 31.65
CA LEU B 17 6.88 5.77 31.32
C LEU B 17 6.63 4.39 31.89
N LEU B 18 6.11 4.32 33.12
CA LEU B 18 5.79 3.03 33.72
C LEU B 18 4.70 2.26 32.95
N TYR B 19 3.69 2.98 32.45
CA TYR B 19 2.73 2.36 31.52
C TYR B 19 3.53 1.77 30.35
N GLY B 20 4.49 2.56 29.88
CA GLY B 20 5.34 2.11 28.79
C GLY B 20 6.03 0.80 29.11
N TYR B 21 6.84 0.77 30.16
CA TYR B 21 7.66 -0.40 30.50
C TYR B 21 6.79 -1.59 30.86
N ASP B 22 5.56 -1.32 31.30
CA ASP B 22 4.69 -2.43 31.64
C ASP B 22 4.21 -3.16 30.39
N ASN B 23 3.65 -2.41 29.44
CA ASN B 23 3.27 -3.13 28.22
C ASN B 23 4.44 -3.54 27.31
N GLY B 24 5.62 -2.98 27.57
CA GLY B 24 6.84 -3.39 26.86
C GLY B 24 7.54 -4.61 27.44
N VAL B 25 7.36 -4.84 28.73
CA VAL B 25 7.86 -6.05 29.40
C VAL B 25 6.81 -7.20 29.39
N ILE B 26 5.55 -6.91 29.02
CA ILE B 26 4.71 -8.02 28.53
C ILE B 26 4.76 -8.20 26.99
N SER B 27 5.28 -7.20 26.30
CA SER B 27 5.75 -7.44 24.94
C SER B 27 6.84 -8.46 25.14
N GLY B 28 7.78 -8.11 26.02
CA GLY B 28 8.87 -9.00 26.39
C GLY B 28 8.45 -10.26 27.12
N ALA B 29 7.23 -10.27 27.65
CA ALA B 29 6.71 -11.48 28.29
C ALA B 29 6.19 -12.42 27.22
N LEU B 30 5.59 -11.86 26.17
CA LEU B 30 5.31 -12.67 24.98
C LEU B 30 6.58 -12.95 24.12
N LEU B 31 7.73 -12.36 24.49
CA LEU B 31 9.06 -12.74 23.94
C LEU B 31 9.64 -13.96 24.67
N PHE B 32 9.85 -13.81 25.97
CA PHE B 32 10.55 -14.78 26.81
C PHE B 32 9.67 -15.88 27.46
N ILE B 33 8.39 -15.92 27.09
CA ILE B 33 7.40 -16.78 27.77
C ILE B 33 7.80 -18.22 28.05
N HIS B 34 8.01 -18.99 26.98
CA HIS B 34 7.94 -20.45 27.04
C HIS B 34 8.74 -21.19 28.14
N LYS B 35 9.95 -20.74 28.46
CA LYS B 35 10.78 -21.43 29.46
C LYS B 35 10.38 -21.06 30.92
N ASP B 36 9.47 -20.11 31.05
CA ASP B 36 8.81 -19.84 32.33
C ASP B 36 7.54 -20.68 32.42
N ILE B 37 7.35 -21.51 31.39
CA ILE B 37 6.28 -22.52 31.32
C ILE B 37 4.83 -21.96 31.41
N PRO B 38 4.36 -21.24 30.36
CA PRO B 38 3.00 -20.68 30.18
C PRO B 38 1.82 -21.64 29.86
N LEU B 39 2.01 -22.58 28.93
CA LEU B 39 0.97 -23.55 28.53
C LEU B 39 -0.48 -23.04 28.38
N ASN B 40 -0.78 -22.33 27.30
CA ASN B 40 -0.04 -22.33 26.05
C ASN B 40 -0.14 -20.91 25.62
N SER B 41 0.09 -20.64 24.34
CA SER B 41 -0.26 -19.36 23.77
C SER B 41 -1.74 -18.98 24.02
N THR B 42 -2.59 -19.97 24.29
CA THR B 42 -4.03 -19.74 24.55
C THR B 42 -4.33 -19.12 25.91
N THR B 43 -3.73 -19.71 26.94
CA THR B 43 -3.85 -19.21 28.30
C THR B 43 -2.71 -18.24 28.60
N GLU B 44 -1.92 -17.96 27.57
CA GLU B 44 -1.09 -16.77 27.50
C GLU B 44 -1.99 -15.69 27.02
N GLY B 45 -2.90 -16.09 26.13
CA GLY B 45 -4.00 -15.26 25.72
C GLY B 45 -4.72 -14.92 27.01
N ILE B 46 -4.85 -15.91 27.88
CA ILE B 46 -5.45 -15.71 29.20
C ILE B 46 -4.47 -15.14 30.24
N VAL B 47 -3.19 -15.09 29.89
CA VAL B 47 -2.17 -14.50 30.76
C VAL B 47 -2.28 -13.01 30.62
N VAL B 48 -2.34 -12.58 29.38
CA VAL B 48 -2.46 -11.19 29.07
C VAL B 48 -3.90 -10.79 29.33
N SER B 49 -4.81 -11.74 29.18
CA SER B 49 -6.22 -11.52 29.52
C SER B 49 -6.32 -11.18 30.99
N SER B 50 -5.66 -11.96 31.82
CA SER B 50 -5.61 -11.67 33.26
C SER B 50 -5.04 -10.25 33.50
N MET B 51 -3.91 -9.94 32.85
CA MET B 51 -3.31 -8.60 32.99
C MET B 51 -4.29 -7.43 32.72
N LEU B 52 -4.92 -7.46 31.55
CA LEU B 52 -5.82 -6.34 31.18
C LEU B 52 -7.21 -6.40 31.85
N ILE B 53 -7.57 -7.55 32.41
CA ILE B 53 -8.76 -7.63 33.29
C ILE B 53 -8.48 -6.80 34.53
N GLY B 54 -7.27 -6.97 35.06
CA GLY B 54 -6.81 -6.12 36.14
C GLY B 54 -6.94 -4.67 35.73
N ALA B 55 -6.48 -4.37 34.52
CA ALA B 55 -6.72 -3.04 33.97
C ALA B 55 -8.19 -2.60 34.07
N ILE B 56 -9.14 -3.48 33.73
CA ILE B 56 -10.58 -3.11 33.74
C ILE B 56 -11.30 -2.97 35.09
N VAL B 57 -11.22 -3.94 35.98
CA VAL B 57 -11.90 -3.77 37.27
C VAL B 57 -11.09 -2.77 38.09
N GLY B 58 -9.81 -2.59 37.72
CA GLY B 58 -8.97 -1.60 38.36
C GLY B 58 -9.32 -0.19 37.97
N ALA B 59 -9.55 0.03 36.68
CA ALA B 59 -9.89 1.35 36.14
C ALA B 59 -11.36 1.70 36.35
N GLY B 60 -12.21 0.68 36.32
CA GLY B 60 -13.59 0.83 36.73
C GLY B 60 -13.54 1.25 38.18
N SER B 61 -12.78 0.50 38.99
CA SER B 61 -12.59 0.80 40.41
C SER B 61 -11.69 2.02 40.69
N SER B 62 -11.16 2.65 39.65
CA SER B 62 -10.28 3.80 39.86
C SER B 62 -11.00 5.09 40.28
N GLY B 63 -11.81 5.64 39.38
CA GLY B 63 -12.46 6.92 39.60
C GLY B 63 -13.30 7.03 40.86
N PRO B 64 -14.25 6.11 41.06
CA PRO B 64 -15.05 6.06 42.30
C PRO B 64 -14.29 5.73 43.62
N LEU B 65 -13.34 4.79 43.62
CA LEU B 65 -12.54 4.57 44.84
C LEU B 65 -11.82 5.89 45.17
N ALA B 66 -11.47 6.63 44.13
CA ALA B 66 -10.95 7.99 44.30
C ALA B 66 -12.00 8.98 44.81
N ASP B 67 -13.27 8.77 44.47
CA ASP B 67 -14.37 9.57 45.01
C ASP B 67 -14.51 9.35 46.52
N LYS B 68 -14.28 8.12 46.99
CA LYS B 68 -14.30 7.81 48.42
C LYS B 68 -13.07 8.30 49.21
N LEU B 69 -11.86 7.91 48.79
CA LEU B 69 -10.65 8.15 49.62
C LEU B 69 -9.67 9.32 49.33
N GLY B 70 -9.86 10.09 48.27
CA GLY B 70 -8.95 11.20 47.97
C GLY B 70 -7.71 10.81 47.17
N ARG B 71 -6.95 11.80 46.69
CA ARG B 71 -5.83 11.51 45.78
C ARG B 71 -4.50 11.02 46.36
N ARG B 72 -3.99 11.72 47.38
CA ARG B 72 -2.60 11.52 47.83
C ARG B 72 -2.22 10.08 48.21
N ARG B 73 -2.73 9.61 49.35
CA ARG B 73 -2.42 8.28 49.85
C ARG B 73 -2.93 7.19 48.89
N LEU B 74 -3.84 7.56 48.01
CA LEU B 74 -4.34 6.65 46.98
C LEU B 74 -3.25 6.37 45.96
N VAL B 75 -2.75 7.43 45.33
CA VAL B 75 -1.73 7.30 44.30
C VAL B 75 -0.54 6.61 44.90
N MET B 76 -0.21 7.01 46.12
CA MET B 76 0.81 6.29 46.87
C MET B 76 0.48 4.79 46.98
N LEU B 77 -0.74 4.48 47.38
CA LEU B 77 -1.17 3.09 47.56
C LEU B 77 -0.97 2.31 46.29
N ILE B 78 -1.10 3.00 45.16
CA ILE B 78 -0.92 2.37 43.88
C ILE B 78 0.56 2.20 43.54
N ALA B 79 1.40 3.10 44.00
CA ALA B 79 2.84 2.91 43.85
C ALA B 79 3.23 1.62 44.59
N ILE B 80 2.69 1.49 45.80
CA ILE B 80 2.86 0.29 46.60
C ILE B 80 2.36 -0.95 45.85
N VAL B 81 1.20 -0.85 45.22
CA VAL B 81 0.66 -1.94 44.43
C VAL B 81 1.60 -2.28 43.26
N PHE B 82 2.32 -1.29 42.75
CA PHE B 82 3.26 -1.52 41.64
C PHE B 82 4.53 -2.27 42.05
N ILE B 83 5.20 -1.80 43.11
CA ILE B 83 6.33 -2.58 43.64
C ILE B 83 5.89 -3.99 44.03
N ILE B 84 4.81 -4.07 44.80
CA ILE B 84 4.24 -5.34 45.24
C ILE B 84 4.00 -6.30 44.08
N GLY B 85 3.26 -5.84 43.09
CA GLY B 85 2.88 -6.69 41.97
C GLY B 85 4.06 -7.09 41.10
N ALA B 86 4.88 -6.12 40.72
CA ALA B 86 6.02 -6.40 39.84
C ALA B 86 6.94 -7.41 40.50
N LEU B 87 7.21 -7.23 41.79
CA LEU B 87 8.04 -8.19 42.50
C LEU B 87 7.34 -9.52 42.74
N ILE B 88 6.02 -9.50 42.85
CA ILE B 88 5.25 -10.73 43.04
C ILE B 88 5.40 -11.59 41.80
N LEU B 89 5.43 -10.92 40.65
CA LEU B 89 5.61 -11.62 39.40
C LEU B 89 7.08 -11.69 39.02
N ALA B 90 7.93 -11.23 39.92
CA ALA B 90 9.34 -11.54 39.84
C ALA B 90 9.54 -13.02 40.21
N ALA B 91 8.46 -13.68 40.59
CA ALA B 91 8.48 -15.13 40.82
C ALA B 91 7.32 -15.80 40.11
N SER B 92 7.55 -17.02 39.62
CA SER B 92 6.53 -17.77 38.92
C SER B 92 6.38 -19.21 39.41
N THR B 93 5.17 -19.57 39.83
CA THR B 93 4.90 -20.91 40.36
C THR B 93 3.80 -21.67 39.61
N ASN B 94 2.54 -21.34 39.88
CA ASN B 94 1.43 -22.09 39.30
C ASN B 94 0.37 -21.24 38.61
N LEU B 95 -0.73 -21.87 38.20
CA LEU B 95 -1.88 -21.21 37.59
C LEU B 95 -2.28 -20.02 38.44
N ALA B 96 -2.20 -20.24 39.75
CA ALA B 96 -2.43 -19.22 40.74
C ALA B 96 -1.61 -17.96 40.45
N LEU B 97 -0.29 -17.98 40.65
CA LEU B 97 0.47 -16.72 40.57
C LEU B 97 0.58 -16.09 39.18
N LEU B 98 0.26 -16.86 38.15
CA LEU B 98 0.19 -16.28 36.82
C LEU B 98 -1.09 -15.47 36.72
N ILE B 99 -2.23 -16.14 36.85
CA ILE B 99 -3.52 -15.44 36.84
C ILE B 99 -3.48 -14.25 37.81
N ILE B 100 -3.15 -14.54 39.06
CA ILE B 100 -3.09 -13.59 40.16
C ILE B 100 -2.09 -12.43 39.98
N GLY B 101 -0.84 -12.75 39.70
CA GLY B 101 0.19 -11.74 39.48
C GLY B 101 -0.24 -10.78 38.39
N ARG B 102 -0.68 -11.35 37.28
CA ARG B 102 -1.23 -10.55 36.18
C ARG B 102 -2.37 -9.65 36.65
N LEU B 103 -3.25 -10.20 37.49
CA LEU B 103 -4.38 -9.45 38.06
C LEU B 103 -3.96 -8.17 38.81
N ILE B 104 -3.11 -8.33 39.84
CA ILE B 104 -2.67 -7.18 40.63
C ILE B 104 -1.93 -6.13 39.78
N ILE B 105 -0.98 -6.60 38.96
CA ILE B 105 -0.25 -5.68 38.09
C ILE B 105 -1.18 -4.89 37.15
N GLY B 106 -2.23 -5.55 36.67
CA GLY B 106 -3.21 -4.90 35.81
C GLY B 106 -4.04 -3.84 36.53
N LEU B 107 -4.53 -4.17 37.72
CA LEU B 107 -5.26 -3.19 38.54
C LEU B 107 -4.35 -1.98 38.71
N ALA B 108 -3.06 -2.26 38.86
CA ALA B 108 -2.06 -1.21 38.97
C ALA B 108 -1.91 -0.37 37.70
N VAL B 109 -1.98 -1.00 36.52
CA VAL B 109 -1.86 -0.26 35.27
C VAL B 109 -3.06 0.64 35.03
N GLY B 110 -4.25 0.03 35.09
CA GLY B 110 -5.49 0.76 34.91
C GLY B 110 -5.55 1.91 35.90
N GLY B 111 -5.35 1.57 37.16
CA GLY B 111 -5.28 2.58 38.20
C GLY B 111 -4.31 3.69 37.85
N SER B 112 -3.13 3.31 37.38
CA SER B 112 -2.05 4.26 37.08
C SER B 112 -2.49 5.31 36.06
N MET B 113 -2.72 4.86 34.83
CA MET B 113 -3.00 5.80 33.76
C MET B 113 -4.36 6.50 33.97
N SER B 114 -5.20 5.94 34.83
CA SER B 114 -6.43 6.64 35.20
C SER B 114 -6.23 7.79 36.21
N THR B 115 -5.35 7.62 37.19
CA THR B 115 -5.16 8.66 38.22
C THR B 115 -3.97 9.60 37.95
N VAL B 116 -3.26 9.41 36.85
CA VAL B 116 -2.27 10.42 36.45
C VAL B 116 -2.85 11.84 36.24
N PRO B 117 -3.77 11.99 35.26
CA PRO B 117 -4.16 13.35 34.84
C PRO B 117 -5.03 14.13 35.84
N VAL B 118 -5.65 13.47 36.81
CA VAL B 118 -6.50 14.19 37.77
C VAL B 118 -5.70 14.82 38.92
N TYR B 119 -4.71 14.12 39.45
CA TYR B 119 -3.81 14.73 40.44
C TYR B 119 -2.82 15.61 39.69
N LEU B 120 -2.71 15.36 38.38
CA LEU B 120 -2.04 16.30 37.49
C LEU B 120 -2.89 17.55 37.27
N SER B 121 -4.21 17.42 37.39
CA SER B 121 -5.12 18.54 37.24
C SER B 121 -5.22 19.34 38.55
N GLU B 122 -5.04 18.62 39.65
CA GLU B 122 -5.09 19.21 40.98
C GLU B 122 -3.80 19.94 41.29
N MET B 123 -2.66 19.30 41.02
CA MET B 123 -1.38 19.99 41.21
C MET B 123 -1.05 20.95 40.05
N ALA B 124 -1.18 20.49 38.81
CA ALA B 124 -0.93 21.35 37.64
C ALA B 124 -2.21 21.88 37.00
N PRO B 125 -2.24 23.20 36.74
CA PRO B 125 -3.40 23.92 36.20
C PRO B 125 -3.95 23.27 34.93
N THR B 126 -5.23 23.46 34.71
CA THR B 126 -5.94 22.90 33.55
C THR B 126 -5.34 23.40 32.24
N GLU B 127 -4.62 24.52 32.30
CA GLU B 127 -4.02 25.12 31.11
C GLU B 127 -2.69 24.46 30.72
N TYR B 128 -2.28 23.46 31.48
CA TYR B 128 -1.02 22.75 31.23
C TYR B 128 -1.05 21.38 30.53
N ARG B 129 -2.23 20.91 30.16
CA ARG B 129 -2.42 19.53 29.68
C ARG B 129 -1.89 19.22 28.26
N GLY B 130 -1.30 20.21 27.61
CA GLY B 130 -1.03 20.18 26.17
C GLY B 130 0.19 19.40 25.73
N SER B 131 0.90 19.96 24.75
CA SER B 131 2.00 19.28 24.06
C SER B 131 2.99 18.62 25.05
N LEU B 132 3.02 19.11 26.29
CA LEU B 132 3.78 18.46 27.36
C LEU B 132 3.10 17.19 27.91
N GLY B 133 1.77 17.17 27.90
CA GLY B 133 1.05 15.94 28.20
C GLY B 133 1.32 14.94 27.08
N SER B 134 1.43 15.46 25.86
CA SER B 134 1.83 14.60 24.76
C SER B 134 3.26 14.10 24.99
N LEU B 135 4.06 14.92 25.68
CA LEU B 135 5.36 14.46 26.18
C LEU B 135 5.20 13.31 27.18
N ASN B 136 4.12 13.32 27.97
CA ASN B 136 3.80 12.14 28.79
C ASN B 136 3.49 10.90 27.95
N GLN B 137 2.80 11.09 26.82
CA GLN B 137 2.57 9.98 25.90
C GLN B 137 3.87 9.41 25.29
N LEU B 138 4.72 10.27 24.75
CA LEU B 138 5.99 9.77 24.21
C LEU B 138 6.94 9.32 25.32
N MET B 139 6.58 9.63 26.56
CA MET B 139 7.26 9.10 27.73
C MET B 139 6.82 7.65 27.96
N ILE B 140 5.54 7.37 27.73
CA ILE B 140 5.07 6.00 27.60
C ILE B 140 5.93 5.30 26.53
N THR B 141 6.19 6.01 25.43
CA THR B 141 6.95 5.45 24.32
C THR B 141 8.39 5.09 24.64
N ILE B 142 9.17 6.05 25.12
CA ILE B 142 10.52 5.73 25.57
C ILE B 142 10.42 4.65 26.66
N GLY B 143 9.26 4.62 27.34
CA GLY B 143 8.91 3.51 28.20
C GLY B 143 9.07 2.21 27.45
N ILE B 144 8.49 2.12 26.26
CA ILE B 144 8.71 0.94 25.42
C ILE B 144 10.21 0.72 25.15
N LEU B 145 10.92 1.83 24.91
CA LEU B 145 12.36 1.78 24.60
C LEU B 145 13.14 0.98 25.65
N ALA B 146 13.27 1.53 26.85
CA ALA B 146 14.03 0.83 27.89
C ALA B 146 13.37 -0.48 28.31
N ALA B 147 12.05 -0.59 28.08
CA ALA B 147 11.34 -1.83 28.37
C ALA B 147 11.96 -3.02 27.65
N TYR B 148 11.77 -3.06 26.33
CA TYR B 148 12.31 -4.21 25.58
C TYR B 148 13.84 -4.20 25.55
N LEU B 149 14.43 -3.00 25.65
CA LEU B 149 15.88 -2.88 25.69
C LEU B 149 16.44 -3.73 26.81
N VAL B 150 16.13 -3.36 28.04
CA VAL B 150 16.54 -4.11 29.22
C VAL B 150 16.13 -5.58 29.06
N ASN B 151 14.89 -5.77 28.59
CA ASN B 151 14.34 -7.12 28.43
C ASN B 151 15.22 -8.11 27.69
N TYR B 152 15.47 -7.88 26.41
CA TYR B 152 16.36 -8.79 25.71
C TYR B 152 17.78 -8.65 26.24
N ALA B 153 18.13 -7.47 26.75
CA ALA B 153 19.49 -7.26 27.25
C ALA B 153 19.85 -8.27 28.33
N PHE B 154 18.85 -8.88 28.97
CA PHE B 154 19.12 -10.04 29.84
C PHE B 154 18.97 -11.43 29.15
N ALA B 155 19.95 -12.33 29.38
CA ALA B 155 20.15 -13.56 28.59
C ALA B 155 19.64 -14.96 29.06
N ASP B 156 19.04 -15.06 30.25
CA ASP B 156 18.48 -16.35 30.75
C ASP B 156 17.25 -16.18 31.68
N ILE B 157 16.83 -17.27 32.35
CA ILE B 157 15.47 -17.38 32.92
C ILE B 157 14.96 -16.48 34.06
N GLU B 158 15.63 -16.46 35.21
CA GLU B 158 15.13 -15.67 36.34
C GLU B 158 15.27 -14.17 36.12
N GLY B 159 15.90 -13.81 35.01
CA GLY B 159 16.29 -12.44 34.73
C GLY B 159 15.22 -11.42 34.32
N TRP B 160 14.17 -11.83 33.62
CA TRP B 160 13.10 -10.89 33.31
C TRP B 160 12.10 -10.78 34.46
N ARG B 161 12.08 -11.80 35.31
CA ARG B 161 11.37 -11.72 36.58
C ARG B 161 12.15 -10.70 37.40
N TRP B 162 13.48 -10.81 37.28
CA TRP B 162 14.40 -9.83 37.85
C TRP B 162 14.12 -8.43 37.27
N MET B 163 13.62 -8.38 36.03
CA MET B 163 13.29 -7.09 35.40
C MET B 163 11.88 -6.63 35.78
N LEU B 164 11.12 -7.54 36.38
CA LEU B 164 9.91 -7.16 37.06
C LEU B 164 10.36 -6.51 38.36
N GLY B 165 11.45 -7.02 38.93
CA GLY B 165 12.07 -6.37 40.06
C GLY B 165 12.63 -5.01 39.64
N LEU B 166 13.01 -4.91 38.37
CA LEU B 166 13.47 -3.65 37.83
C LEU B 166 12.27 -2.87 37.28
N ALA B 167 11.08 -3.44 37.47
CA ALA B 167 9.85 -2.66 37.41
C ALA B 167 9.50 -2.17 38.82
N VAL B 168 10.12 -2.80 39.81
CA VAL B 168 9.96 -2.41 41.21
C VAL B 168 10.83 -1.23 41.60
N VAL B 169 12.10 -1.30 41.23
CA VAL B 169 13.03 -0.19 41.49
C VAL B 169 12.48 1.18 41.05
N PRO B 170 11.89 1.28 39.85
CA PRO B 170 11.22 2.54 39.51
C PRO B 170 9.91 2.75 40.27
N SER B 171 9.24 1.65 40.60
CA SER B 171 7.97 1.73 41.32
C SER B 171 8.20 2.20 42.73
N VAL B 172 9.37 1.85 43.27
CA VAL B 172 9.75 2.33 44.59
C VAL B 172 10.34 3.74 44.55
N ILE B 173 10.82 4.19 43.38
CA ILE B 173 11.07 5.62 43.21
C ILE B 173 9.81 6.27 42.66
N LEU B 174 8.86 5.45 42.23
CA LEU B 174 7.49 5.93 42.05
C LEU B 174 6.71 5.75 43.33
N LEU B 175 7.23 4.95 44.24
CA LEU B 175 6.77 4.99 45.61
C LEU B 175 7.18 6.38 46.03
N VAL B 176 8.49 6.62 45.93
CA VAL B 176 9.07 7.93 46.20
C VAL B 176 8.46 9.01 45.29
N GLY B 177 8.03 8.60 44.10
CA GLY B 177 7.38 9.51 43.16
C GLY B 177 6.14 10.16 43.73
N ILE B 178 5.35 9.40 44.50
CA ILE B 178 4.22 10.00 45.20
C ILE B 178 4.47 10.24 46.70
N TYR B 179 5.64 9.84 47.19
CA TYR B 179 5.99 10.04 48.60
C TYR B 179 5.99 11.55 48.90
N PHE B 180 6.28 12.36 47.87
CA PHE B 180 6.64 13.77 48.06
C PHE B 180 5.58 14.86 47.92
N MET B 181 4.36 14.49 47.52
CA MET B 181 3.37 15.49 47.18
C MET B 181 2.68 16.06 48.41
N PRO B 182 2.52 17.38 48.48
CA PRO B 182 1.64 17.91 49.52
C PRO B 182 0.21 17.49 49.23
N GLU B 183 -0.74 17.98 50.00
CA GLU B 183 -2.11 17.49 49.93
C GLU B 183 -2.76 17.75 48.57
N SER B 184 -3.85 17.03 48.27
CA SER B 184 -4.39 16.99 46.91
C SER B 184 -5.30 18.18 46.63
N PRO B 185 -4.79 19.14 45.84
CA PRO B 185 -5.35 20.48 45.78
C PRO B 185 -6.76 20.62 45.25
N ARG B 186 -7.09 20.08 44.07
CA ARG B 186 -8.43 20.35 43.57
C ARG B 186 -9.46 19.40 44.15
N TRP B 187 -8.95 18.33 44.75
CA TRP B 187 -9.76 17.54 45.66
C TRP B 187 -10.23 18.45 46.78
N LEU B 188 -9.28 19.20 47.35
CA LEU B 188 -9.64 20.19 48.36
C LEU B 188 -10.65 21.23 47.82
N LEU B 189 -10.35 21.78 46.64
CA LEU B 189 -11.20 22.81 46.02
C LEU B 189 -12.66 22.39 45.81
N GLU B 190 -12.89 21.13 45.43
CA GLU B 190 -14.27 20.62 45.33
C GLU B 190 -14.87 20.20 46.68
N ASN B 191 -14.04 19.69 47.58
CA ASN B 191 -14.51 19.16 48.87
C ASN B 191 -14.58 20.15 50.04
N ARG B 192 -14.41 21.45 49.76
CA ARG B 192 -14.77 22.55 50.69
C ARG B 192 -13.67 22.85 51.72
N ASN B 193 -12.63 22.02 51.64
CA ASN B 193 -11.39 22.10 52.42
C ASN B 193 -10.27 22.96 51.75
N GLU B 194 -10.67 23.85 50.84
CA GLU B 194 -9.84 24.49 49.78
C GLU B 194 -8.45 24.99 50.19
N GLU B 195 -8.24 25.04 51.49
CA GLU B 195 -7.01 25.51 52.10
C GLU B 195 -5.71 25.00 51.43
N ALA B 196 -5.41 23.71 51.58
CA ALA B 196 -4.13 23.17 51.10
C ALA B 196 -3.97 23.25 49.58
N ALA B 197 -5.11 23.33 48.89
CA ALA B 197 -5.14 23.60 47.46
C ALA B 197 -4.48 24.92 47.16
N ARG B 198 -5.12 25.98 47.65
CA ARG B 198 -4.58 27.34 47.50
C ARG B 198 -3.09 27.31 47.92
N GLN B 199 -2.79 26.52 48.96
CA GLN B 199 -1.41 26.39 49.48
C GLN B 199 -0.32 25.86 48.54
N VAL B 200 -0.46 24.65 47.99
CA VAL B 200 0.57 24.15 47.09
C VAL B 200 0.61 25.05 45.86
N MET B 201 -0.58 25.56 45.52
CA MET B 201 -0.71 26.56 44.46
C MET B 201 0.24 27.74 44.61
N LYS B 202 0.46 28.24 45.82
CA LYS B 202 1.56 29.22 46.00
C LYS B 202 2.93 28.55 46.29
N ILE B 203 2.92 27.26 46.62
CA ILE B 203 4.18 26.53 46.88
C ILE B 203 5.06 26.59 45.65
N THR B 204 4.46 26.56 44.46
CA THR B 204 5.33 26.63 43.28
C THR B 204 5.46 27.98 42.53
N TYR B 205 4.39 28.48 41.91
CA TYR B 205 4.50 29.60 40.96
C TYR B 205 4.19 31.09 41.30
N ASP B 206 3.95 31.40 42.58
CA ASP B 206 3.85 32.78 43.07
C ASP B 206 2.70 33.71 42.63
N ASP B 207 1.48 33.43 43.09
CA ASP B 207 0.44 34.45 43.37
C ASP B 207 -0.28 35.21 42.23
N SER B 208 0.26 35.20 41.00
CA SER B 208 -0.33 36.04 39.95
C SER B 208 -1.66 35.60 39.31
N GLU B 209 -1.69 34.40 38.75
CA GLU B 209 -2.79 33.95 37.90
C GLU B 209 -3.82 33.01 38.56
N ILE B 210 -3.65 32.77 39.86
CA ILE B 210 -4.40 31.71 40.55
C ILE B 210 -5.86 32.01 40.92
N ASP B 211 -6.30 33.27 40.85
CA ASP B 211 -7.72 33.55 41.02
C ASP B 211 -8.46 33.04 39.77
N LYS B 212 -7.82 33.20 38.60
CA LYS B 212 -8.35 32.68 37.34
C LYS B 212 -8.09 31.18 37.11
N GLU B 213 -7.03 30.61 37.69
CA GLU B 213 -6.86 29.14 37.62
C GLU B 213 -7.76 28.41 38.63
N LEU B 214 -7.99 29.05 39.78
CA LEU B 214 -9.03 28.63 40.72
C LEU B 214 -10.36 28.64 39.98
N LYS B 215 -10.66 29.76 39.33
CA LYS B 215 -11.83 29.86 38.43
C LYS B 215 -11.90 28.68 37.42
N GLU B 216 -10.80 28.42 36.72
CA GLU B 216 -10.76 27.37 35.68
C GLU B 216 -11.03 25.94 36.18
N MET B 217 -10.21 25.42 37.09
CA MET B 217 -10.44 24.04 37.53
C MET B 217 -11.66 23.86 38.44
N LYS B 218 -11.95 24.86 39.28
CA LYS B 218 -13.20 24.83 40.03
C LYS B 218 -14.41 24.83 39.08
N GLU B 219 -14.28 25.50 37.94
CA GLU B 219 -15.34 25.42 36.92
C GLU B 219 -15.35 24.07 36.20
N ILE B 220 -14.22 23.37 36.09
CA ILE B 220 -14.27 22.01 35.51
C ILE B 220 -14.93 20.97 36.43
N ASN B 221 -14.61 20.98 37.72
CA ASN B 221 -15.26 20.04 38.64
C ASN B 221 -16.70 20.45 39.01
N ALA B 222 -16.98 21.76 39.08
CA ALA B 222 -18.35 22.25 39.35
C ALA B 222 -19.27 22.21 38.14
N ILE B 223 -18.71 22.32 36.93
CA ILE B 223 -19.50 22.12 35.70
C ILE B 223 -19.71 20.62 35.40
N SER B 224 -18.67 19.79 35.59
CA SER B 224 -18.88 18.34 35.48
C SER B 224 -19.95 17.93 36.49
N GLU B 225 -19.83 18.45 37.72
CA GLU B 225 -20.86 18.27 38.75
C GLU B 225 -22.22 18.93 38.44
N SER B 226 -22.26 19.94 37.57
CA SER B 226 -23.54 20.55 37.12
C SER B 226 -24.32 19.84 36.00
N THR B 227 -23.64 19.51 34.90
CA THR B 227 -24.29 18.80 33.77
C THR B 227 -24.07 17.26 33.63
N TRP B 228 -23.45 16.59 34.62
CA TRP B 228 -23.55 15.10 34.64
C TRP B 228 -25.07 14.68 34.80
N THR B 229 -25.97 15.67 35.00
CA THR B 229 -27.43 15.43 35.21
C THR B 229 -28.21 14.82 34.05
N VAL B 230 -27.83 15.13 32.81
CA VAL B 230 -28.50 14.55 31.66
C VAL B 230 -27.75 13.31 31.04
N ILE B 231 -26.63 12.89 31.65
CA ILE B 231 -25.66 11.91 31.06
C ILE B 231 -25.93 10.39 31.06
N LYS B 232 -26.54 9.87 32.13
CA LYS B 232 -26.69 8.42 32.30
C LYS B 232 -27.33 7.74 31.10
N SER B 233 -28.34 8.40 30.55
CA SER B 233 -29.27 7.92 29.53
C SER B 233 -28.96 8.93 28.37
N PRO B 234 -29.88 9.18 27.41
CA PRO B 234 -29.68 9.44 25.97
C PRO B 234 -28.79 10.64 25.60
N TRP B 235 -29.10 11.31 24.49
CA TRP B 235 -28.18 11.61 23.38
C TRP B 235 -26.70 11.70 23.72
N LEU B 236 -26.39 12.24 24.88
CA LEU B 236 -25.04 12.12 25.40
C LEU B 236 -24.63 10.64 25.48
N GLY B 237 -25.45 9.81 26.14
CA GLY B 237 -25.16 8.39 26.30
C GLY B 237 -24.95 7.63 24.99
N ARG B 238 -25.87 7.83 24.06
CA ARG B 238 -25.76 7.18 22.77
C ARG B 238 -24.51 7.66 22.03
N ILE B 239 -24.28 8.97 22.04
CA ILE B 239 -23.15 9.49 21.27
C ILE B 239 -21.84 8.93 21.84
N LEU B 240 -21.86 8.69 23.15
CA LEU B 240 -20.71 8.14 23.83
C LEU B 240 -20.53 6.66 23.55
N ILE B 241 -21.61 5.96 23.26
CA ILE B 241 -21.40 4.56 22.92
C ILE B 241 -20.97 4.50 21.46
N VAL B 242 -21.12 5.61 20.76
CA VAL B 242 -20.45 5.70 19.46
C VAL B 242 -18.97 5.96 19.64
N GLY B 243 -18.60 6.77 20.64
CA GLY B 243 -17.19 6.99 20.96
C GLY B 243 -16.61 5.75 21.62
N CYS B 244 -17.51 4.88 22.05
CA CYS B 244 -17.20 3.57 22.57
C CYS B 244 -16.96 2.62 21.41
N ILE B 245 -17.86 2.63 20.41
CA ILE B 245 -17.73 1.79 19.20
C ILE B 245 -16.58 2.33 18.37
N PHE B 246 -16.18 3.53 18.74
CA PHE B 246 -15.03 4.19 18.21
C PHE B 246 -13.86 3.60 18.91
N ALA B 247 -13.94 3.52 20.24
CA ALA B 247 -12.85 2.95 21.03
C ALA B 247 -12.64 1.54 20.54
N ILE B 248 -13.73 0.95 20.09
CA ILE B 248 -13.71 -0.39 19.55
C ILE B 248 -13.05 -0.46 18.17
N PHE B 249 -13.57 0.29 17.19
CA PHE B 249 -13.02 0.23 15.82
C PHE B 249 -11.56 0.72 15.83
N GLN B 250 -11.23 1.52 16.84
CA GLN B 250 -9.88 2.06 17.05
C GLN B 250 -8.90 1.09 17.69
N GLN B 251 -9.28 0.47 18.80
CA GLN B 251 -8.34 -0.39 19.53
C GLN B 251 -8.26 -1.74 18.84
N PHE B 252 -9.18 -1.98 17.91
CA PHE B 252 -9.22 -3.27 17.24
C PHE B 252 -8.26 -3.57 16.07
N ILE B 253 -7.90 -2.59 15.25
CA ILE B 253 -6.62 -2.74 14.60
C ILE B 253 -5.77 -2.03 15.65
N GLY B 254 -4.99 -2.77 16.44
CA GLY B 254 -4.38 -2.16 17.60
C GLY B 254 -3.11 -2.73 18.18
N ILE B 255 -2.34 -1.82 18.76
CA ILE B 255 -0.91 -2.04 18.98
C ILE B 255 -0.51 -2.78 20.25
N ASN B 256 -1.35 -2.76 21.27
CA ASN B 256 -0.90 -3.31 22.55
C ASN B 256 -0.49 -4.81 22.39
N ALA B 257 -1.49 -5.63 22.16
CA ALA B 257 -1.30 -7.04 21.88
C ALA B 257 -0.38 -7.22 20.67
N VAL B 258 -0.45 -6.28 19.73
CA VAL B 258 0.38 -6.30 18.54
C VAL B 258 1.87 -6.31 18.85
N ILE B 259 2.26 -5.61 19.91
CA ILE B 259 3.65 -5.61 20.33
C ILE B 259 3.95 -6.91 21.10
N PHE B 260 2.96 -7.38 21.87
CA PHE B 260 3.16 -8.66 22.58
C PHE B 260 3.55 -9.77 21.61
N TYR B 261 2.70 -10.01 20.62
CA TYR B 261 3.09 -11.03 19.64
C TYR B 261 4.04 -10.55 18.51
N SER B 262 4.39 -9.25 18.51
CA SER B 262 5.53 -8.80 17.70
C SER B 262 6.75 -9.54 18.21
N SER B 263 6.94 -9.48 19.52
CA SER B 263 7.99 -10.29 20.13
C SER B 263 7.74 -11.80 19.92
N SER B 264 6.49 -12.22 20.12
CA SER B 264 6.15 -13.66 19.97
C SER B 264 6.54 -14.32 18.64
N ILE B 265 6.28 -13.68 17.49
CA ILE B 265 6.78 -14.24 16.23
C ILE B 265 8.17 -13.74 15.84
N PHE B 266 8.67 -12.72 16.54
CA PHE B 266 10.11 -12.46 16.50
C PHE B 266 10.81 -13.72 17.01
N ALA B 267 10.05 -14.54 17.74
CA ALA B 267 10.44 -15.93 18.02
C ALA B 267 9.92 -16.97 16.99
N LYS B 268 8.59 -17.10 16.87
CA LYS B 268 7.94 -18.16 16.10
C LYS B 268 8.22 -18.11 14.59
N ALA B 269 8.94 -17.09 14.17
CA ALA B 269 9.51 -17.06 12.83
C ALA B 269 10.97 -17.54 12.76
N GLY B 270 11.89 -16.88 13.48
CA GLY B 270 13.32 -16.96 13.15
C GLY B 270 14.52 -17.64 13.85
N LEU B 271 14.33 -18.54 14.82
CA LEU B 271 15.48 -19.32 15.37
C LEU B 271 16.70 -18.54 15.90
N GLY B 272 16.53 -17.95 17.09
CA GLY B 272 17.50 -17.05 17.73
C GLY B 272 17.07 -15.60 17.67
N GLU B 273 17.31 -14.90 18.78
CA GLU B 273 16.56 -13.69 19.14
C GLU B 273 17.22 -12.32 18.95
N ALA B 274 18.43 -12.32 18.39
CA ALA B 274 19.16 -11.07 18.12
C ALA B 274 18.29 -10.09 17.34
N ALA B 275 17.34 -10.61 16.58
CA ALA B 275 16.34 -9.78 15.91
C ALA B 275 15.11 -9.55 16.80
N SER B 276 15.10 -10.10 18.00
CA SER B 276 14.12 -9.64 18.98
C SER B 276 14.76 -8.41 19.61
N ILE B 277 16.09 -8.30 19.51
CA ILE B 277 16.68 -6.99 19.80
C ILE B 277 16.67 -5.93 18.68
N LEU B 278 17.12 -6.24 17.46
CA LEU B 278 17.08 -5.19 16.43
C LEU B 278 15.66 -5.05 15.94
N GLY B 279 14.95 -6.15 15.96
CA GLY B 279 13.53 -6.16 15.68
C GLY B 279 12.72 -5.43 16.73
N SER B 280 12.82 -5.81 18.01
CA SER B 280 11.97 -5.12 18.97
C SER B 280 12.42 -3.66 19.21
N VAL B 281 13.70 -3.45 19.51
CA VAL B 281 14.16 -2.09 19.80
C VAL B 281 14.20 -1.20 18.53
N GLY B 282 14.29 -1.84 17.37
CA GLY B 282 14.12 -1.12 16.12
C GLY B 282 12.68 -0.67 15.95
N ILE B 283 11.75 -1.62 16.11
CA ILE B 283 10.31 -1.37 16.03
C ILE B 283 9.93 -0.17 16.89
N GLY B 284 10.41 -0.17 18.13
CA GLY B 284 10.05 0.89 19.04
C GLY B 284 10.89 2.17 19.00
N THR B 285 12.14 2.11 18.54
CA THR B 285 12.93 3.33 18.35
C THR B 285 12.24 4.11 17.25
N ILE B 286 11.84 3.38 16.22
CA ILE B 286 10.95 3.91 15.23
C ILE B 286 9.68 4.48 15.89
N ASN B 287 9.03 3.72 16.79
CA ASN B 287 7.80 4.27 17.40
C ASN B 287 7.99 5.46 18.33
N VAL B 288 9.20 5.65 18.83
CA VAL B 288 9.47 6.84 19.60
C VAL B 288 9.63 7.98 18.63
N LEU B 289 10.41 7.74 17.58
CA LEU B 289 10.54 8.72 16.50
C LEU B 289 9.15 9.19 16.09
N VAL B 290 8.23 8.24 16.03
CA VAL B 290 6.89 8.51 15.53
C VAL B 290 5.97 9.18 16.57
N THR B 291 6.02 8.72 17.82
CA THR B 291 5.22 9.36 18.87
C THR B 291 5.78 10.75 19.14
N ILE B 292 6.95 10.99 18.58
CA ILE B 292 7.52 12.32 18.58
C ILE B 292 7.02 13.16 17.42
N VAL B 293 6.91 12.57 16.22
CA VAL B 293 6.27 13.33 15.14
C VAL B 293 4.81 13.59 15.46
N ALA B 294 4.31 12.98 16.54
CA ALA B 294 2.99 13.27 17.06
C ALA B 294 2.70 14.77 17.13
N ILE B 295 3.40 15.49 18.02
CA ILE B 295 3.16 16.91 18.22
C ILE B 295 3.26 17.69 16.91
N PHE B 296 4.13 17.20 16.02
CA PHE B 296 4.25 17.74 14.67
C PHE B 296 2.89 17.68 13.97
N VAL B 297 2.41 16.46 13.75
CA VAL B 297 1.26 16.24 12.89
C VAL B 297 -0.14 16.37 13.53
N VAL B 298 -0.21 16.64 14.84
CA VAL B 298 -1.50 17.03 15.40
C VAL B 298 -1.84 18.38 14.78
N ASP B 299 -0.85 19.28 14.81
CA ASP B 299 -0.93 20.58 14.20
C ASP B 299 -0.82 20.50 12.66
N LYS B 300 0.26 19.88 12.19
CA LYS B 300 0.67 19.96 10.78
C LYS B 300 -0.40 19.56 9.77
N ILE B 301 -0.69 18.26 9.69
CA ILE B 301 -1.39 17.73 8.53
C ILE B 301 -2.89 18.05 8.51
N ASP B 302 -3.68 17.38 9.35
CA ASP B 302 -5.13 17.57 9.37
C ASP B 302 -5.73 16.83 10.55
N ARG B 303 -7.06 16.89 10.63
CA ARG B 303 -7.80 16.08 11.59
C ARG B 303 -8.44 14.80 11.01
N LYS B 304 -8.29 14.55 9.70
CA LYS B 304 -8.85 13.33 9.07
C LYS B 304 -7.90 12.49 8.18
N LYS B 305 -7.43 13.06 7.07
CA LYS B 305 -6.73 12.31 6.02
C LYS B 305 -5.53 11.57 6.60
N LEU B 306 -5.08 12.02 7.77
CA LEU B 306 -4.04 11.37 8.51
C LEU B 306 -4.52 10.05 9.07
N LEU B 307 -5.64 10.07 9.77
CA LEU B 307 -6.14 8.84 10.35
C LEU B 307 -6.66 7.89 9.28
N VAL B 308 -7.11 8.47 8.18
CA VAL B 308 -7.51 7.65 7.04
C VAL B 308 -6.28 6.92 6.53
N GLY B 309 -5.25 7.71 6.22
CA GLY B 309 -3.99 7.21 5.70
C GLY B 309 -3.39 6.16 6.60
N GLY B 310 -3.60 6.31 7.91
CA GLY B 310 -3.22 5.31 8.89
C GLY B 310 -3.94 3.99 8.70
N ASN B 311 -5.28 4.06 8.67
CA ASN B 311 -6.07 2.86 8.38
C ASN B 311 -5.65 2.19 7.06
N ILE B 312 -5.42 3.01 6.04
CA ILE B 312 -4.85 2.59 4.76
C ILE B 312 -3.52 1.83 4.90
N GLY B 313 -2.46 2.53 5.34
CA GLY B 313 -1.13 1.96 5.36
C GLY B 313 -1.07 0.73 6.23
N MET B 314 -1.89 0.74 7.28
CA MET B 314 -2.18 -0.47 8.02
C MET B 314 -2.63 -1.57 7.07
N ILE B 315 -3.81 -1.38 6.47
CA ILE B 315 -4.40 -2.36 5.55
C ILE B 315 -3.39 -2.90 4.53
N ALA B 316 -2.54 -2.01 4.00
CA ALA B 316 -1.39 -2.39 3.14
C ALA B 316 -0.27 -3.29 3.73
N SER B 317 0.53 -2.78 4.67
CA SER B 317 1.55 -3.63 5.30
C SER B 317 0.95 -4.97 5.82
N LEU B 318 -0.35 -4.98 6.08
CA LEU B 318 -1.01 -6.22 6.48
C LEU B 318 -1.31 -7.09 5.26
N LEU B 319 -1.72 -6.44 4.16
CA LEU B 319 -1.86 -7.14 2.87
C LEU B 319 -0.55 -7.81 2.38
N ILE B 320 0.49 -7.03 2.04
CA ILE B 320 1.70 -7.67 1.56
C ILE B 320 2.18 -8.64 2.61
N MET B 321 2.39 -8.16 3.86
CA MET B 321 2.84 -9.09 4.90
C MET B 321 2.05 -10.43 4.98
N ALA B 322 0.73 -10.39 5.00
CA ALA B 322 0.02 -11.65 5.02
C ALA B 322 0.39 -12.45 3.77
N ILE B 323 0.58 -11.80 2.63
CA ILE B 323 0.94 -12.52 1.40
C ILE B 323 2.23 -13.31 1.53
N LEU B 324 3.33 -12.64 1.91
CA LEU B 324 4.56 -13.36 2.18
C LEU B 324 4.30 -14.47 3.21
N ILE B 325 3.36 -14.25 4.16
CA ILE B 325 2.97 -15.29 5.16
C ILE B 325 2.46 -16.61 4.53
N TRP B 326 1.33 -16.57 3.82
CA TRP B 326 0.85 -17.86 3.30
C TRP B 326 1.70 -18.38 2.16
N THR B 327 2.33 -17.50 1.40
CA THR B 327 3.09 -17.92 0.21
C THR B 327 4.19 -18.89 0.56
N ILE B 328 4.26 -19.22 1.85
CA ILE B 328 5.07 -20.29 2.39
C ILE B 328 6.45 -19.73 2.74
N GLY B 329 6.59 -18.44 2.42
CA GLY B 329 7.82 -17.68 2.55
C GLY B 329 8.05 -17.06 3.91
N ILE B 330 7.59 -17.72 5.00
CA ILE B 330 7.59 -17.15 6.35
C ILE B 330 8.90 -16.46 6.80
N ALA B 331 10.02 -16.85 6.20
CA ALA B 331 11.29 -16.14 6.43
C ALA B 331 11.37 -14.75 5.75
N SER B 332 11.09 -14.68 4.44
CA SER B 332 11.08 -13.40 3.72
C SER B 332 10.00 -12.52 4.32
N SER B 333 8.90 -13.17 4.68
CA SER B 333 7.83 -12.53 5.43
C SER B 333 8.30 -12.14 6.82
N ALA B 334 9.46 -12.64 7.26
CA ALA B 334 10.06 -12.26 8.54
C ALA B 334 11.01 -11.03 8.49
N TRP B 335 12.08 -11.07 7.70
CA TRP B 335 12.89 -9.83 7.55
C TRP B 335 11.90 -8.74 7.09
N ILE B 336 11.12 -9.06 6.07
CA ILE B 336 10.05 -8.18 5.71
C ILE B 336 9.00 -8.17 6.82
N ILE B 337 9.00 -9.06 7.82
CA ILE B 337 7.98 -8.88 8.90
C ILE B 337 8.35 -7.63 9.65
N ILE B 338 9.67 -7.51 9.88
CA ILE B 338 10.25 -6.29 10.38
C ILE B 338 9.65 -5.23 9.50
N VAL B 339 10.00 -5.28 8.22
CA VAL B 339 9.68 -4.15 7.34
C VAL B 339 8.18 -3.78 7.24
N CYS B 340 7.36 -4.76 6.91
CA CYS B 340 5.91 -4.61 6.74
C CYS B 340 5.27 -4.13 8.01
N LEU B 341 5.32 -4.93 9.08
CA LEU B 341 4.57 -4.56 10.27
C LEU B 341 5.15 -3.33 10.94
N SER B 342 6.38 -2.97 10.61
CA SER B 342 6.93 -1.70 11.05
C SER B 342 6.52 -0.54 10.17
N LEU B 343 6.21 -0.83 8.90
CA LEU B 343 5.57 0.13 8.01
C LEU B 343 4.27 0.48 8.71
N PHE B 344 3.57 -0.58 9.12
CA PHE B 344 2.36 -0.47 9.92
C PHE B 344 2.61 0.36 11.17
N ILE B 345 3.75 0.13 11.81
CA ILE B 345 4.12 0.89 13.01
C ILE B 345 4.19 2.38 12.75
N VAL B 346 4.85 2.75 11.65
CA VAL B 346 4.93 4.14 11.23
C VAL B 346 3.54 4.75 11.03
N PHE B 347 2.59 3.97 10.53
CA PHE B 347 1.21 4.49 10.45
C PHE B 347 0.45 4.66 11.78
N PHE B 348 0.53 3.65 12.65
CA PHE B 348 -0.02 3.78 14.01
C PHE B 348 0.51 5.05 14.63
N GLY B 349 1.79 5.30 14.40
CA GLY B 349 2.41 6.51 14.91
C GLY B 349 1.95 7.81 14.29
N ILE B 350 1.85 7.88 12.95
CA ILE B 350 1.49 9.16 12.33
C ILE B 350 0.04 9.59 12.54
N SER B 351 -0.89 8.68 12.86
CA SER B 351 -2.24 9.20 13.19
C SER B 351 -3.00 8.75 14.45
N TRP B 352 -3.26 7.45 14.59
CA TRP B 352 -4.22 6.93 15.57
C TRP B 352 -3.72 6.76 17.03
N GLY B 353 -2.47 7.09 17.37
CA GLY B 353 -2.23 7.25 18.80
C GLY B 353 -2.74 8.56 19.44
N PRO B 354 -2.03 9.69 19.22
CA PRO B 354 -2.40 11.03 19.71
C PRO B 354 -3.49 11.79 18.97
N VAL B 355 -3.52 11.77 17.63
CA VAL B 355 -4.36 12.70 16.86
C VAL B 355 -5.87 12.45 17.07
N LEU B 356 -6.25 11.19 16.93
CA LEU B 356 -7.59 10.71 17.20
C LEU B 356 -8.07 11.22 18.56
N TRP B 357 -7.23 11.01 19.57
CA TRP B 357 -7.51 11.51 20.90
C TRP B 357 -7.68 13.02 20.93
N VAL B 358 -6.70 13.76 20.41
CA VAL B 358 -6.76 15.22 20.39
C VAL B 358 -8.11 15.71 19.87
N MET B 359 -8.64 15.05 18.84
CA MET B 359 -10.03 15.32 18.48
C MET B 359 -11.00 14.90 19.61
N LEU B 360 -10.78 13.73 20.21
CA LEU B 360 -11.78 13.16 21.13
C LEU B 360 -12.30 14.03 22.31
N PRO B 361 -11.41 14.56 23.17
CA PRO B 361 -11.94 15.63 24.02
C PRO B 361 -12.27 16.92 23.27
N GLU B 362 -11.62 17.19 22.14
CA GLU B 362 -11.99 18.35 21.32
C GLU B 362 -13.41 18.17 20.75
N LEU B 363 -13.92 16.93 20.76
CA LEU B 363 -15.24 16.63 20.19
C LEU B 363 -16.49 16.90 21.08
N PHE B 364 -16.42 16.53 22.36
CA PHE B 364 -17.55 16.74 23.28
C PHE B 364 -17.75 18.21 23.62
N PRO B 365 -18.93 18.57 24.15
CA PRO B 365 -19.01 19.94 24.64
C PRO B 365 -18.16 20.05 25.88
N MET B 366 -17.85 21.27 26.28
CA MET B 366 -17.00 21.50 27.44
C MET B 366 -17.66 21.00 28.74
N ARG B 367 -18.90 20.53 28.62
CA ARG B 367 -19.68 20.03 29.75
C ARG B 367 -18.98 18.97 30.63
N ALA B 368 -18.76 17.75 30.12
CA ALA B 368 -18.23 16.73 31.01
C ALA B 368 -17.18 15.80 30.42
N ARG B 369 -16.43 15.19 31.32
CA ARG B 369 -15.37 14.29 30.92
C ARG B 369 -15.41 12.95 31.64
N GLY B 370 -15.16 12.95 32.96
CA GLY B 370 -14.70 11.76 33.67
C GLY B 370 -15.47 10.45 33.61
N ALA B 371 -16.74 10.45 34.03
CA ALA B 371 -17.57 9.24 33.95
C ALA B 371 -17.58 8.74 32.52
N ALA B 372 -17.96 9.62 31.60
CA ALA B 372 -18.07 9.32 30.16
C ALA B 372 -16.81 8.76 29.49
N THR B 373 -15.81 9.62 29.35
CA THR B 373 -14.54 9.24 28.74
C THR B 373 -13.93 8.02 29.44
N GLY B 374 -14.19 7.86 30.74
CA GLY B 374 -13.79 6.66 31.47
C GLY B 374 -14.53 5.40 31.04
N ILE B 375 -15.74 5.57 30.55
CA ILE B 375 -16.46 4.43 29.99
C ILE B 375 -15.90 4.06 28.63
N SER B 376 -15.65 5.07 27.80
CA SER B 376 -15.02 4.83 26.49
C SER B 376 -13.72 4.08 26.75
N ALA B 377 -13.09 4.43 27.86
CA ALA B 377 -11.96 3.70 28.40
C ALA B 377 -12.32 2.23 28.64
N LEU B 378 -13.26 1.97 29.55
CA LEU B 378 -13.62 0.60 29.88
C LEU B 378 -13.81 -0.24 28.61
N VAL B 379 -14.59 0.30 27.67
CA VAL B 379 -14.90 -0.39 26.42
C VAL B 379 -13.65 -0.55 25.57
N LEU B 380 -12.74 0.39 25.69
CA LEU B 380 -11.57 0.34 24.85
C LEU B 380 -10.66 -0.80 25.34
N ASN B 381 -10.52 -0.85 26.65
CA ASN B 381 -9.77 -1.92 27.27
C ASN B 381 -10.40 -3.22 26.90
N ILE B 382 -11.74 -3.26 26.98
CA ILE B 382 -12.53 -4.42 26.60
C ILE B 382 -11.99 -4.91 25.26
N GLY B 383 -11.80 -3.95 24.36
CA GLY B 383 -11.19 -4.28 23.09
C GLY B 383 -9.86 -5.00 23.23
N THR B 384 -8.89 -4.33 23.88
CA THR B 384 -7.53 -4.87 24.01
C THR B 384 -7.56 -6.30 24.50
N LEU B 385 -8.50 -6.54 25.40
CA LEU B 385 -8.64 -7.80 26.10
C LEU B 385 -9.05 -8.91 25.19
N ILE B 386 -10.10 -8.68 24.41
CA ILE B 386 -10.47 -9.69 23.45
C ILE B 386 -9.30 -9.98 22.53
N VAL B 387 -8.58 -8.93 22.17
CA VAL B 387 -7.39 -9.10 21.32
C VAL B 387 -6.41 -10.08 21.95
N SER B 388 -5.80 -9.68 23.06
CA SER B 388 -4.80 -10.47 23.76
C SER B 388 -5.26 -11.89 24.07
N LEU B 389 -6.51 -12.04 24.46
CA LEU B 389 -7.04 -13.35 24.75
C LEU B 389 -6.99 -14.19 23.50
N PHE B 390 -7.82 -13.78 22.56
CA PHE B 390 -8.20 -14.65 21.47
C PHE B 390 -7.10 -14.85 20.48
N PHE B 391 -6.50 -13.74 20.10
CA PHE B 391 -5.66 -13.69 18.93
C PHE B 391 -4.25 -14.33 18.97
N PRO B 392 -3.51 -14.20 20.08
CA PRO B 392 -2.31 -15.02 20.25
C PRO B 392 -2.59 -16.51 20.07
N ILE B 393 -3.84 -16.93 20.25
CA ILE B 393 -4.17 -18.35 20.12
C ILE B 393 -4.21 -18.85 18.67
N LEU B 394 -4.69 -18.02 17.74
CA LEU B 394 -4.68 -18.43 16.34
C LEU B 394 -3.44 -17.92 15.59
N SER B 395 -2.51 -17.34 16.32
CA SER B 395 -1.19 -17.06 15.76
C SER B 395 -0.28 -18.29 15.93
N ASP B 396 -0.71 -19.20 16.79
CA ASP B 396 0.04 -20.43 17.11
C ASP B 396 -0.16 -21.54 16.07
N ALA B 397 -1.35 -21.58 15.49
CA ALA B 397 -1.82 -22.75 14.72
C ALA B 397 -1.83 -22.58 13.20
N LEU B 398 -2.63 -21.63 12.72
CA LEU B 398 -3.04 -21.57 11.32
C LEU B 398 -1.88 -21.56 10.30
N SER B 399 -0.68 -21.25 10.77
CA SER B 399 0.38 -20.75 9.89
C SER B 399 -0.30 -19.57 9.22
N THR B 400 -0.52 -18.52 10.01
CA THR B 400 -1.65 -17.62 9.83
C THR B 400 -1.49 -16.50 8.83
N GLU B 401 -2.28 -16.57 7.78
CA GLU B 401 -2.47 -15.47 6.86
C GLU B 401 -3.62 -14.63 7.40
N TRP B 402 -4.37 -15.20 8.33
CA TRP B 402 -5.66 -14.62 8.72
C TRP B 402 -5.55 -13.31 9.50
N VAL B 403 -4.53 -13.21 10.37
CA VAL B 403 -4.39 -12.03 11.23
C VAL B 403 -4.55 -10.70 10.48
N PHE B 404 -3.61 -10.49 9.56
CA PHE B 404 -3.38 -9.17 8.99
C PHE B 404 -4.42 -8.87 7.95
N LEU B 405 -5.02 -9.91 7.41
CA LEU B 405 -6.15 -9.68 6.54
C LEU B 405 -7.39 -9.28 7.32
N ILE B 406 -7.72 -10.05 8.37
CA ILE B 406 -8.88 -9.72 9.18
C ILE B 406 -8.76 -8.28 9.73
N PHE B 407 -7.54 -7.82 9.98
CA PHE B 407 -7.35 -6.45 10.45
C PHE B 407 -7.13 -5.38 9.36
N ALA B 408 -6.95 -5.80 8.11
CA ALA B 408 -6.94 -4.87 6.98
C ALA B 408 -8.38 -4.56 6.69
N PHE B 409 -9.21 -5.53 7.02
CA PHE B 409 -10.62 -5.31 6.92
C PHE B 409 -11.14 -4.71 8.20
N ILE B 410 -10.32 -4.70 9.23
CA ILE B 410 -10.61 -3.87 10.40
C ILE B 410 -10.08 -2.45 10.27
N GLY B 411 -9.01 -2.31 9.54
CA GLY B 411 -8.62 -1.01 9.03
C GLY B 411 -9.71 -0.55 8.09
N VAL B 412 -10.39 -1.51 7.49
CA VAL B 412 -11.53 -1.22 6.61
C VAL B 412 -12.90 -0.91 7.28
N LEU B 413 -13.28 -1.62 8.34
CA LEU B 413 -14.57 -1.31 9.02
C LEU B 413 -14.36 -0.22 10.07
N ALA B 414 -13.10 0.00 10.46
CA ALA B 414 -12.79 1.19 11.23
C ALA B 414 -12.39 2.33 10.31
N MET B 415 -12.19 2.02 9.02
CA MET B 415 -12.12 3.05 7.99
C MET B 415 -13.50 3.43 7.55
N ILE B 416 -14.44 2.49 7.73
CA ILE B 416 -15.84 2.72 7.40
C ILE B 416 -16.20 3.60 8.55
N PHE B 417 -15.66 3.20 9.70
CA PHE B 417 -15.80 4.06 10.84
C PHE B 417 -15.25 5.42 10.41
N VAL B 418 -14.02 5.43 9.91
CA VAL B 418 -13.34 6.67 9.46
C VAL B 418 -14.25 7.61 8.62
N ILE B 419 -14.66 7.18 7.43
CA ILE B 419 -15.36 8.07 6.46
C ILE B 419 -16.89 8.36 6.60
N LYS B 420 -17.66 7.49 7.27
CA LYS B 420 -19.06 7.87 7.54
C LYS B 420 -19.21 8.45 8.98
N PHE B 421 -18.09 8.56 9.70
CA PHE B 421 -18.21 9.03 11.06
C PHE B 421 -17.29 10.24 11.41
N LEU B 422 -15.97 10.12 11.30
CA LEU B 422 -15.15 11.32 11.50
C LEU B 422 -14.09 11.72 10.44
N PRO B 423 -14.49 11.88 9.15
CA PRO B 423 -13.76 12.51 8.05
C PRO B 423 -14.22 13.95 7.86
N GLU B 424 -13.86 14.50 6.70
CA GLU B 424 -14.85 15.25 5.91
C GLU B 424 -14.69 14.82 4.43
N THR B 425 -15.82 14.54 3.78
CA THR B 425 -15.87 13.80 2.52
C THR B 425 -14.99 14.35 1.39
N ARG B 426 -15.09 15.66 1.14
CA ARG B 426 -14.52 16.34 -0.02
C ARG B 426 -12.99 16.55 -0.03
N GLY B 427 -12.46 16.87 -1.21
CA GLY B 427 -11.04 17.06 -1.37
C GLY B 427 -10.35 15.71 -1.21
#